data_5CWE
#
_entry.id   5CWE
#
_cell.length_a   64.080
_cell.length_b   118.371
_cell.length_c   66.039
_cell.angle_alpha   90.00
_cell.angle_beta   105.51
_cell.angle_gamma   90.00
#
_symmetry.space_group_name_H-M   'P 1 21 1'
#
loop_
_entity.id
_entity.type
_entity.pdbx_description
1 polymer 'Cytochrome P450 hydroxylase'
2 non-polymer 'SULFATE ION'
3 non-polymer 'LAURIC ACID'
4 non-polymer 'PROTOPORPHYRIN IX CONTAINING FE'
5 non-polymer GLYCEROL
6 water water
#
_entity_poly.entity_id   1
_entity_poly.type   'polypeptide(L)'
_entity_poly.pdbx_seq_one_letter_code
;MGNVIDLGEYGARFTEDPYPVYAELRERGPVHWVRTPPPEAFEGWLVVGHEEARAALADPRLSKDGTKKGLTSLDVELMG
PYLLVVDPPEHTRLRSLVARAFTMRRVEALRPRIQEITDGLLDEMLPRGRADLVDSFAYPLPITVICELLGVPDIDRVTF
RALSNEIVAPTGGDAELAAYERLAAYLDELIDDKRSTAPADDLLGDLIRTRAEDDDRLSGEELRAMAFILLVAGHETTVN
LITNGVHTLLTHPDQLAALRADMTLLDGAVEEVLRFEGPVETATYRYAAESMEIGGTAIAEGDPVMIGLDAAGRDPARHP
DPHVFDIHRAPQGHLAFGHGIHYCLGAPLARLEARVALRSLLERCPDLALDGPPGARPPGMLIRGVRRLPVRW
;
_entity_poly.pdbx_strand_id   A,B
#
loop_
_chem_comp.id
_chem_comp.type
_chem_comp.name
_chem_comp.formula
DAO non-polymer 'LAURIC ACID' 'C12 H24 O2'
GOL non-polymer GLYCEROL 'C3 H8 O3'
HEM non-polymer 'PROTOPORPHYRIN IX CONTAINING FE' 'C34 H32 Fe N4 O4'
SO4 non-polymer 'SULFATE ION' 'O4 S -2'
#
# COMPACT_ATOMS: atom_id res chain seq x y z
N MET A 1 -8.59 -13.72 29.55
CA MET A 1 -7.19 -13.52 30.07
C MET A 1 -6.90 -12.08 30.69
N GLY A 2 -7.93 -11.28 30.96
CA GLY A 2 -7.86 -9.79 30.96
C GLY A 2 -9.21 -9.31 30.37
N ASN A 3 -9.43 -8.00 30.18
CA ASN A 3 -10.77 -7.54 29.64
C ASN A 3 -11.14 -8.06 28.21
N VAL A 4 -12.39 -8.44 28.03
CA VAL A 4 -12.87 -8.97 26.77
C VAL A 4 -14.00 -8.12 26.29
N ILE A 5 -13.84 -7.56 25.10
CA ILE A 5 -14.93 -6.90 24.44
C ILE A 5 -15.65 -8.03 23.71
N ASP A 6 -16.77 -8.47 24.26
CA ASP A 6 -17.56 -9.50 23.61
C ASP A 6 -18.38 -8.84 22.51
N LEU A 7 -18.15 -9.23 21.25
CA LEU A 7 -18.80 -8.53 20.12
C LEU A 7 -20.23 -9.03 19.98
N GLY A 8 -20.42 -10.28 20.39
CA GLY A 8 -21.72 -10.90 20.53
C GLY A 8 -22.70 -10.17 21.42
N GLU A 9 -22.20 -9.56 22.50
CA GLU A 9 -23.10 -8.79 23.42
C GLU A 9 -23.89 -7.68 22.71
N TYR A 10 -23.40 -7.20 21.56
CA TYR A 10 -24.13 -6.17 20.77
C TYR A 10 -25.33 -6.68 19.96
N GLY A 11 -25.50 -8.00 19.83
CA GLY A 11 -26.59 -8.56 19.07
C GLY A 11 -26.43 -8.42 17.55
N ALA A 12 -27.53 -8.68 16.85
CA ALA A 12 -27.62 -8.50 15.42
C ALA A 12 -27.28 -7.08 14.94
N ARG A 13 -27.44 -6.07 15.79
CA ARG A 13 -27.04 -4.68 15.46
C ARG A 13 -25.64 -4.65 14.81
N PHE A 14 -24.70 -5.28 15.50
CA PHE A 14 -23.31 -5.31 15.10
C PHE A 14 -23.06 -6.02 13.75
N THR A 15 -23.68 -7.17 13.59
CA THR A 15 -23.54 -7.93 12.37
C THR A 15 -24.10 -7.12 11.21
N GLU A 16 -25.24 -6.47 11.43
CA GLU A 16 -25.86 -5.58 10.44
C GLU A 16 -24.99 -4.34 10.13
N ASP A 17 -24.56 -3.64 11.19
CA ASP A 17 -23.90 -2.34 11.10
C ASP A 17 -22.82 -2.19 12.20
N PRO A 18 -21.64 -2.77 11.96
CA PRO A 18 -20.55 -2.79 12.96
C PRO A 18 -19.81 -1.48 13.15
N TYR A 19 -20.05 -0.50 12.29
CA TYR A 19 -19.24 0.69 12.20
C TYR A 19 -19.30 1.61 13.41
N PRO A 20 -20.49 1.85 13.96
CA PRO A 20 -20.52 2.61 15.22
C PRO A 20 -19.73 1.95 16.33
N VAL A 21 -19.68 0.61 16.37
CA VAL A 21 -18.87 -0.05 17.41
C VAL A 21 -17.37 0.13 17.16
N TYR A 22 -16.95 -0.15 15.92
CA TYR A 22 -15.59 0.05 15.54
C TYR A 22 -15.13 1.46 15.90
N ALA A 23 -15.93 2.46 15.54
CA ALA A 23 -15.67 3.87 15.92
C ALA A 23 -15.52 4.06 17.46
N GLU A 24 -16.42 3.49 18.25
CA GLU A 24 -16.27 3.56 19.71
C GLU A 24 -14.95 2.94 20.19
N LEU A 25 -14.59 1.78 19.66
CA LEU A 25 -13.31 1.17 20.00
C LEU A 25 -12.14 2.03 19.56
N ARG A 26 -12.17 2.45 18.30
CA ARG A 26 -11.08 3.24 17.70
C ARG A 26 -10.82 4.54 18.47
N GLU A 27 -11.89 5.14 19.00
CA GLU A 27 -11.79 6.32 19.89
C GLU A 27 -11.02 6.05 21.18
N ARG A 28 -11.16 4.84 21.74
CA ARG A 28 -10.34 4.43 22.89
C ARG A 28 -8.89 4.18 22.49
N GLY A 29 -8.69 3.43 21.43
CA GLY A 29 -7.36 3.15 20.95
C GLY A 29 -7.55 2.32 19.71
N PRO A 30 -6.47 1.91 19.04
CA PRO A 30 -6.56 1.21 17.78
C PRO A 30 -6.50 -0.32 17.87
N VAL A 31 -6.22 -0.88 19.03
CA VAL A 31 -6.28 -2.34 19.17
C VAL A 31 -6.95 -2.77 20.48
N HIS A 32 -7.66 -3.90 20.41
CA HIS A 32 -8.51 -4.37 21.51
C HIS A 32 -8.69 -5.86 21.52
N TRP A 33 -8.69 -6.45 22.71
CA TRP A 33 -8.96 -7.88 22.84
C TRP A 33 -10.46 -8.08 22.76
N VAL A 34 -10.87 -9.01 21.89
CA VAL A 34 -12.24 -9.09 21.49
C VAL A 34 -12.68 -10.56 21.56
N ARG A 35 -14.00 -10.76 21.50
CA ARG A 35 -14.58 -12.06 21.25
C ARG A 35 -15.51 -11.90 20.09
N THR A 36 -15.24 -12.61 18.98
CA THR A 36 -16.03 -12.47 17.78
C THR A 36 -17.44 -12.93 18.05
N PRO A 37 -18.39 -12.44 17.24
CA PRO A 37 -19.75 -12.92 17.51
C PRO A 37 -19.88 -14.43 17.26
N PRO A 38 -20.89 -15.09 17.88
CA PRO A 38 -21.19 -16.48 17.55
C PRO A 38 -21.69 -16.56 16.11
N PRO A 39 -21.52 -17.70 15.42
CA PRO A 39 -21.09 -18.96 16.00
C PRO A 39 -19.59 -19.16 16.05
N GLU A 40 -19.14 -20.16 16.79
CA GLU A 40 -17.69 -20.38 16.97
C GLU A 40 -17.04 -19.01 17.29
N ALA A 41 -17.48 -18.44 18.41
CA ALA A 41 -17.06 -17.13 18.89
C ALA A 41 -15.59 -17.20 19.34
N PHE A 42 -14.74 -16.39 18.70
CA PHE A 42 -13.29 -16.57 18.74
C PHE A 42 -12.62 -15.34 19.41
N GLU A 43 -11.53 -15.56 20.16
CA GLU A 43 -10.84 -14.42 20.81
C GLU A 43 -9.49 -14.07 20.19
N GLY A 44 -9.24 -12.77 20.16
CA GLY A 44 -7.97 -12.23 19.80
C GLY A 44 -7.98 -10.71 19.78
N TRP A 45 -6.86 -10.15 19.34
CA TRP A 45 -6.71 -8.71 19.19
C TRP A 45 -7.35 -8.37 17.87
N LEU A 46 -8.28 -7.43 17.89
CA LEU A 46 -8.82 -6.82 16.66
C LEU A 46 -8.17 -5.47 16.47
N VAL A 47 -7.53 -5.25 15.32
CA VAL A 47 -6.97 -3.94 14.98
C VAL A 47 -7.99 -3.09 14.23
N VAL A 48 -8.33 -1.89 14.77
CA VAL A 48 -9.35 -0.98 14.19
C VAL A 48 -8.84 0.34 13.66
N GLY A 49 -7.51 0.51 13.68
CA GLY A 49 -6.80 1.73 13.22
C GLY A 49 -6.10 1.53 11.88
N HIS A 50 -6.21 2.50 10.99
CA HIS A 50 -5.61 2.38 9.69
C HIS A 50 -4.10 2.14 9.83
N GLU A 51 -3.42 3.10 10.46
CA GLU A 51 -1.96 3.11 10.57
C GLU A 51 -1.43 1.79 11.16
N GLU A 52 -2.15 1.34 12.18
CA GLU A 52 -1.83 0.11 12.83
C GLU A 52 -2.23 -1.09 11.98
N ALA A 53 -3.22 -0.97 11.13
CA ALA A 53 -3.61 -2.06 10.24
C ALA A 53 -2.54 -2.31 9.21
N ARG A 54 -2.02 -1.23 8.61
CA ARG A 54 -0.97 -1.32 7.58
C ARG A 54 0.29 -1.98 8.15
N ALA A 55 0.67 -1.51 9.34
CA ALA A 55 1.90 -1.92 9.97
C ALA A 55 1.81 -3.40 10.31
N ALA A 56 0.76 -3.77 11.02
CA ALA A 56 0.44 -5.18 11.25
C ALA A 56 0.49 -6.08 9.96
N LEU A 57 -0.03 -5.61 8.84
CA LEU A 57 0.00 -6.41 7.60
C LEU A 57 1.40 -6.61 7.04
N ALA A 58 2.32 -5.70 7.38
CA ALA A 58 3.71 -5.77 6.93
C ALA A 58 4.64 -6.36 7.99
N ASP A 59 4.19 -6.39 9.25
CA ASP A 59 5.00 -6.81 10.38
C ASP A 59 5.53 -8.22 10.25
N PRO A 60 6.85 -8.38 10.23
CA PRO A 60 7.39 -9.74 10.09
C PRO A 60 7.14 -10.69 11.25
N ARG A 61 6.62 -10.21 12.37
CA ARG A 61 6.41 -11.07 13.56
C ARG A 61 5.09 -11.83 13.58
N LEU A 62 4.14 -11.46 12.72
CA LEU A 62 2.91 -12.21 12.61
C LEU A 62 3.03 -13.33 11.59
N SER A 63 2.61 -14.53 11.99
CA SER A 63 2.67 -15.70 11.14
C SER A 63 1.25 -16.08 10.75
N LYS A 64 1.08 -16.80 9.66
CA LYS A 64 -0.21 -17.42 9.31
C LYS A 64 -0.11 -18.94 9.26
N ASP A 65 1.01 -19.50 9.74
CA ASP A 65 1.27 -20.94 9.72
C ASP A 65 1.10 -21.44 11.14
N GLY A 66 -0.08 -21.97 11.40
CA GLY A 66 -0.39 -22.53 12.71
C GLY A 66 0.37 -23.81 13.00
N THR A 67 0.75 -24.56 11.97
CA THR A 67 1.46 -25.82 12.18
C THR A 67 2.75 -25.56 12.98
N LYS A 68 3.42 -24.45 12.68
CA LYS A 68 4.63 -24.02 13.42
C LYS A 68 4.47 -23.92 14.95
N LYS A 69 3.23 -23.94 15.46
CA LYS A 69 2.95 -24.04 16.91
C LYS A 69 1.98 -25.19 17.25
N GLY A 70 2.01 -26.27 16.46
CA GLY A 70 1.20 -27.47 16.72
C GLY A 70 -0.30 -27.24 16.78
N LEU A 71 -0.87 -26.77 15.67
CA LEU A 71 -2.31 -26.45 15.56
C LEU A 71 -2.70 -26.54 14.08
N THR A 72 -3.62 -27.43 13.75
CA THR A 72 -4.03 -27.65 12.35
C THR A 72 -5.53 -27.39 12.17
N SER A 73 -5.86 -26.30 11.47
CA SER A 73 -7.27 -25.99 11.19
C SER A 73 -7.80 -26.82 10.01
N LEU A 74 -9.13 -26.94 9.98
CA LEU A 74 -9.84 -27.81 9.02
C LEU A 74 -9.42 -27.52 7.59
N ASP A 75 -9.19 -26.24 7.30
CA ASP A 75 -8.72 -25.82 5.97
C ASP A 75 -7.33 -26.37 5.63
N VAL A 76 -6.41 -26.33 6.59
CA VAL A 76 -5.02 -26.72 6.33
C VAL A 76 -5.00 -28.21 6.04
N GLU A 77 -5.42 -29.02 7.01
CA GLU A 77 -5.40 -30.48 6.85
C GLU A 77 -6.13 -30.96 5.61
N LEU A 78 -7.37 -30.51 5.46
CA LEU A 78 -8.33 -31.13 4.56
C LEU A 78 -8.12 -30.59 3.14
N MET A 79 -7.86 -29.28 3.04
CA MET A 79 -7.60 -28.65 1.76
C MET A 79 -6.15 -28.83 1.37
N GLY A 80 -5.25 -28.47 2.29
CA GLY A 80 -3.81 -28.48 2.07
C GLY A 80 -3.16 -27.15 2.44
N PRO A 81 -1.81 -27.05 2.29
CA PRO A 81 -1.16 -25.74 2.40
C PRO A 81 -1.41 -24.89 1.16
N TYR A 82 -1.98 -23.71 1.38
CA TYR A 82 -2.26 -22.72 0.35
C TYR A 82 -1.83 -21.33 0.85
N LEU A 83 -1.98 -20.34 -0.04
CA LEU A 83 -1.31 -19.07 0.10
C LEU A 83 -1.57 -18.31 1.40
N LEU A 84 -2.77 -18.43 1.97
CA LEU A 84 -3.13 -17.66 3.17
C LEU A 84 -2.81 -18.41 4.45
N VAL A 85 -2.15 -19.57 4.39
CA VAL A 85 -1.75 -20.30 5.62
C VAL A 85 -0.28 -20.66 5.65
N VAL A 86 0.52 -19.98 4.82
CA VAL A 86 1.95 -20.19 4.81
C VAL A 86 2.68 -18.86 4.92
N ASP A 87 3.88 -18.93 5.47
CA ASP A 87 4.78 -17.78 5.52
C ASP A 87 5.90 -18.03 4.54
N PRO A 88 6.75 -17.02 4.30
CA PRO A 88 7.94 -17.30 3.45
C PRO A 88 8.86 -18.28 4.19
N PRO A 89 9.50 -19.23 3.51
CA PRO A 89 9.61 -19.31 2.04
C PRO A 89 8.55 -20.12 1.30
N GLU A 90 7.70 -20.85 2.02
CA GLU A 90 6.67 -21.66 1.35
C GLU A 90 5.75 -20.73 0.54
N HIS A 91 5.37 -19.61 1.15
CA HIS A 91 4.54 -18.60 0.51
C HIS A 91 5.15 -18.11 -0.78
N THR A 92 6.46 -17.86 -0.74
CA THR A 92 7.15 -17.26 -1.90
C THR A 92 7.13 -18.24 -3.08
N ARG A 93 7.37 -19.51 -2.77
CA ARG A 93 7.38 -20.62 -3.75
C ARG A 93 6.03 -20.85 -4.38
N LEU A 94 4.97 -20.79 -3.59
CA LEU A 94 3.61 -21.00 -4.11
C LEU A 94 3.13 -19.82 -4.96
N ARG A 95 3.29 -18.62 -4.43
CA ARG A 95 2.88 -17.39 -5.15
C ARG A 95 3.59 -17.20 -6.50
N SER A 96 4.80 -17.72 -6.60
CA SER A 96 5.55 -17.74 -7.87
C SER A 96 4.83 -18.53 -8.95
N LEU A 97 4.15 -19.60 -8.55
CA LEU A 97 3.50 -20.45 -9.52
C LEU A 97 2.41 -19.64 -10.23
N VAL A 98 1.78 -18.68 -9.54
CA VAL A 98 0.55 -18.07 -10.09
C VAL A 98 0.55 -16.59 -10.43
N ALA A 99 1.50 -15.81 -9.90
CA ALA A 99 1.54 -14.34 -10.12
C ALA A 99 1.38 -13.87 -11.57
N ARG A 100 2.02 -14.60 -12.47
CA ARG A 100 2.10 -14.23 -13.90
C ARG A 100 0.76 -14.25 -14.59
N ALA A 101 -0.09 -15.18 -14.16
CA ALA A 101 -1.47 -15.27 -14.66
C ALA A 101 -2.36 -14.10 -14.23
N PHE A 102 -2.14 -13.49 -13.05
CA PHE A 102 -3.03 -12.42 -12.55
C PHE A 102 -2.55 -10.97 -12.68
N THR A 103 -1.56 -10.74 -13.54
CA THR A 103 -1.03 -9.41 -13.80
C THR A 103 -2.03 -8.45 -14.48
N MET A 104 -1.73 -7.17 -14.41
CA MET A 104 -2.51 -6.13 -15.09
C MET A 104 -2.62 -6.31 -16.61
N ARG A 105 -1.49 -6.47 -17.29
CA ARG A 105 -1.44 -6.83 -18.73
C ARG A 105 -2.38 -8.01 -19.05
N ARG A 106 -2.27 -9.09 -18.29
CA ARG A 106 -2.99 -10.33 -18.58
C ARG A 106 -4.51 -10.15 -18.32
N VAL A 107 -4.84 -9.62 -17.16
CA VAL A 107 -6.22 -9.23 -16.79
C VAL A 107 -6.93 -8.37 -17.82
N GLU A 108 -6.23 -7.37 -18.33
CA GLU A 108 -6.80 -6.48 -19.32
C GLU A 108 -7.17 -7.20 -20.64
N ALA A 109 -6.45 -8.28 -20.95
CA ALA A 109 -6.71 -9.07 -22.15
C ALA A 109 -8.09 -9.72 -22.10
N LEU A 110 -8.60 -9.93 -20.87
CA LEU A 110 -9.92 -10.49 -20.63
C LEU A 110 -11.08 -9.52 -20.79
N ARG A 111 -10.82 -8.23 -20.91
CA ARG A 111 -11.91 -7.24 -21.00
C ARG A 111 -13.03 -7.53 -22.02
N PRO A 112 -12.70 -7.96 -23.26
CA PRO A 112 -13.76 -8.36 -24.22
C PRO A 112 -14.68 -9.43 -23.65
N ARG A 113 -14.06 -10.50 -23.14
CA ARG A 113 -14.79 -11.65 -22.64
C ARG A 113 -15.67 -11.30 -21.43
N ILE A 114 -15.07 -10.75 -20.36
CA ILE A 114 -15.83 -10.25 -19.20
C ILE A 114 -17.03 -9.41 -19.66
N GLN A 115 -16.80 -8.51 -20.61
CA GLN A 115 -17.90 -7.72 -21.18
C GLN A 115 -18.95 -8.66 -21.81
N GLU A 116 -18.48 -9.52 -22.73
CA GLU A 116 -19.35 -10.49 -23.41
C GLU A 116 -20.18 -11.26 -22.37
N ILE A 117 -19.54 -11.69 -21.29
CA ILE A 117 -20.22 -12.40 -20.18
C ILE A 117 -21.23 -11.48 -19.49
N THR A 118 -20.83 -10.25 -19.22
CA THR A 118 -21.70 -9.28 -18.54
C THR A 118 -22.97 -9.05 -19.37
N ASP A 119 -22.82 -9.02 -20.69
CA ASP A 119 -23.92 -8.75 -21.62
C ASP A 119 -24.90 -9.94 -21.75
N GLY A 120 -24.35 -11.16 -21.83
CA GLY A 120 -25.14 -12.37 -21.82
C GLY A 120 -26.00 -12.45 -20.58
N LEU A 121 -25.40 -12.09 -19.44
CA LEU A 121 -26.13 -12.07 -18.17
C LEU A 121 -27.20 -11.00 -18.17
N LEU A 122 -26.94 -9.83 -18.72
CA LEU A 122 -27.99 -8.78 -18.74
C LEU A 122 -29.08 -8.99 -19.80
N ASP A 123 -28.75 -9.60 -20.94
CA ASP A 123 -29.75 -9.89 -21.99
C ASP A 123 -30.77 -10.88 -21.53
N GLU A 124 -30.28 -11.94 -20.90
CA GLU A 124 -31.10 -12.94 -20.27
C GLU A 124 -31.93 -12.34 -19.17
N MET A 125 -31.28 -11.57 -18.30
CA MET A 125 -31.95 -11.06 -17.09
C MET A 125 -32.91 -9.89 -17.31
N LEU A 126 -32.56 -8.91 -18.15
CA LEU A 126 -33.33 -7.63 -18.21
C LEU A 126 -34.82 -7.71 -18.58
N PRO A 127 -35.21 -8.61 -19.53
CA PRO A 127 -36.65 -8.78 -19.84
C PRO A 127 -37.56 -9.24 -18.68
N ARG A 128 -37.07 -10.04 -17.74
CA ARG A 128 -37.93 -10.49 -16.63
C ARG A 128 -38.32 -9.36 -15.68
N GLY A 129 -37.73 -8.18 -15.80
CA GLY A 129 -38.21 -6.97 -15.12
C GLY A 129 -37.81 -6.83 -13.66
N ARG A 130 -37.53 -7.92 -12.97
CA ARG A 130 -37.04 -7.88 -11.60
C ARG A 130 -36.24 -9.13 -11.38
N ALA A 131 -35.32 -9.09 -10.43
CA ALA A 131 -34.55 -10.27 -10.09
C ALA A 131 -33.80 -10.07 -8.79
N ASP A 132 -33.36 -11.20 -8.23
CA ASP A 132 -32.28 -11.20 -7.26
C ASP A 132 -30.99 -10.95 -8.05
N LEU A 133 -30.37 -9.79 -7.80
CA LEU A 133 -29.09 -9.44 -8.44
C LEU A 133 -27.99 -10.49 -8.22
N VAL A 134 -27.98 -11.17 -7.08
CA VAL A 134 -26.92 -12.12 -6.76
C VAL A 134 -26.99 -13.35 -7.68
N ASP A 135 -28.14 -14.05 -7.67
CA ASP A 135 -28.36 -15.23 -8.54
C ASP A 135 -28.18 -14.93 -10.02
N SER A 136 -28.74 -13.81 -10.45
CA SER A 136 -28.85 -13.46 -11.86
C SER A 136 -27.63 -12.74 -12.42
N PHE A 137 -26.86 -12.02 -11.59
CA PHE A 137 -25.81 -11.16 -12.12
C PHE A 137 -24.46 -11.27 -11.39
N ALA A 138 -24.40 -10.81 -10.15
CA ALA A 138 -23.18 -10.75 -9.34
C ALA A 138 -22.51 -12.08 -9.08
N TYR A 139 -23.25 -13.12 -8.77
CA TYR A 139 -22.61 -14.42 -8.62
C TYR A 139 -22.09 -14.99 -9.97
N PRO A 140 -23.00 -15.26 -10.93
CA PRO A 140 -22.50 -16.04 -12.09
C PRO A 140 -21.28 -15.43 -12.80
N LEU A 141 -21.20 -14.10 -12.90
CA LEU A 141 -20.06 -13.45 -13.58
C LEU A 141 -18.68 -13.84 -13.01
N PRO A 142 -18.45 -13.63 -11.71
CA PRO A 142 -17.14 -14.04 -11.20
C PRO A 142 -16.88 -15.51 -11.26
N ILE A 143 -17.88 -16.35 -10.99
CA ILE A 143 -17.63 -17.80 -11.04
C ILE A 143 -17.32 -18.24 -12.50
N THR A 144 -17.94 -17.58 -13.47
CA THR A 144 -17.62 -17.82 -14.87
C THR A 144 -16.20 -17.32 -15.25
N VAL A 145 -15.86 -16.09 -14.81
CA VAL A 145 -14.57 -15.48 -15.16
C VAL A 145 -13.43 -16.37 -14.66
N ILE A 146 -13.45 -16.69 -13.38
CA ILE A 146 -12.39 -17.49 -12.77
C ILE A 146 -12.29 -18.92 -13.34
N CYS A 147 -13.43 -19.52 -13.66
CA CYS A 147 -13.45 -20.91 -14.13
C CYS A 147 -12.78 -20.97 -15.50
N GLU A 148 -13.18 -20.08 -16.38
CA GLU A 148 -12.51 -20.01 -17.67
C GLU A 148 -11.01 -19.84 -17.48
N LEU A 149 -10.63 -18.88 -16.65
CA LEU A 149 -9.22 -18.57 -16.39
C LEU A 149 -8.35 -19.79 -16.01
N LEU A 150 -8.93 -20.75 -15.30
CA LEU A 150 -8.16 -21.89 -14.74
C LEU A 150 -7.59 -22.97 -15.70
N GLY A 151 -8.37 -23.68 -16.50
CA GLY A 151 -9.76 -23.44 -16.75
C GLY A 151 -10.56 -24.70 -16.51
N VAL A 152 -11.38 -24.66 -15.47
CA VAL A 152 -12.36 -25.72 -15.18
C VAL A 152 -13.61 -25.53 -16.06
N PRO A 153 -13.76 -26.38 -17.10
CA PRO A 153 -14.72 -26.10 -18.19
C PRO A 153 -16.16 -25.95 -17.69
N ASP A 154 -16.76 -27.03 -17.18
CA ASP A 154 -18.17 -27.03 -16.75
C ASP A 154 -18.17 -27.22 -15.25
N ILE A 155 -18.76 -26.27 -14.54
CA ILE A 155 -18.82 -26.37 -13.10
C ILE A 155 -20.28 -26.44 -12.56
N ASP A 156 -20.45 -27.31 -11.56
CA ASP A 156 -21.63 -27.37 -10.73
C ASP A 156 -21.61 -26.09 -9.86
N ARG A 157 -22.32 -25.07 -10.35
CA ARG A 157 -22.29 -23.79 -9.72
C ARG A 157 -23.19 -23.71 -8.50
N VAL A 158 -24.30 -24.45 -8.50
CA VAL A 158 -25.21 -24.48 -7.35
C VAL A 158 -24.59 -25.25 -6.17
N THR A 159 -23.88 -26.35 -6.45
CA THR A 159 -23.20 -27.02 -5.35
C THR A 159 -22.02 -26.19 -4.85
N PHE A 160 -21.22 -25.63 -5.77
CA PHE A 160 -19.96 -25.03 -5.39
C PHE A 160 -20.23 -23.82 -4.48
N ARG A 161 -21.18 -23.01 -4.90
CA ARG A 161 -21.63 -21.86 -4.18
C ARG A 161 -21.97 -22.18 -2.74
N ALA A 162 -22.67 -23.28 -2.53
CA ALA A 162 -23.16 -23.61 -1.19
C ALA A 162 -21.98 -24.03 -0.32
N LEU A 163 -21.08 -24.82 -0.90
CA LEU A 163 -19.90 -25.26 -0.18
C LEU A 163 -19.08 -24.05 0.25
N SER A 164 -18.73 -23.27 -0.78
CA SER A 164 -17.91 -22.08 -0.67
C SER A 164 -18.47 -21.07 0.35
N ASN A 165 -19.75 -20.74 0.20
CA ASN A 165 -20.50 -19.90 1.15
C ASN A 165 -20.34 -20.31 2.60
N GLU A 166 -20.44 -21.62 2.80
CA GLU A 166 -20.38 -22.21 4.14
C GLU A 166 -18.98 -22.07 4.74
N ILE A 167 -17.94 -22.30 3.96
CA ILE A 167 -16.57 -22.29 4.52
C ILE A 167 -16.04 -20.84 4.78
N VAL A 168 -16.62 -19.87 4.07
CA VAL A 168 -16.28 -18.46 4.17
C VAL A 168 -17.12 -17.80 5.32
N ALA A 169 -18.35 -18.29 5.52
CA ALA A 169 -19.18 -17.97 6.71
C ALA A 169 -19.69 -19.29 7.35
N PRO A 170 -18.88 -19.95 8.19
CA PRO A 170 -19.38 -21.17 8.82
C PRO A 170 -20.60 -20.91 9.75
N THR A 171 -21.60 -21.81 9.70
CA THR A 171 -22.83 -21.74 10.51
C THR A 171 -22.67 -22.53 11.80
N GLY A 172 -22.02 -23.69 11.72
CA GLY A 172 -21.67 -24.47 12.92
C GLY A 172 -20.52 -25.40 12.66
N GLY A 173 -20.20 -26.23 13.65
CA GLY A 173 -19.11 -27.18 13.54
C GLY A 173 -19.37 -28.24 12.48
N ASP A 174 -20.56 -28.83 12.53
CA ASP A 174 -20.84 -30.03 11.73
C ASP A 174 -20.94 -29.71 10.26
N ALA A 175 -21.65 -28.62 9.97
CA ALA A 175 -21.72 -28.08 8.61
C ALA A 175 -20.32 -27.66 8.03
N GLU A 176 -19.55 -26.86 8.77
CA GLU A 176 -18.21 -26.41 8.33
C GLU A 176 -17.38 -27.55 7.77
N LEU A 177 -16.99 -28.48 8.63
CA LEU A 177 -16.10 -29.57 8.21
C LEU A 177 -16.70 -30.39 7.07
N ALA A 178 -18.01 -30.63 7.15
CA ALA A 178 -18.72 -31.37 6.09
C ALA A 178 -18.51 -30.70 4.75
N ALA A 179 -18.59 -29.37 4.74
CA ALA A 179 -18.37 -28.59 3.54
C ALA A 179 -16.94 -28.72 3.03
N TYR A 180 -15.97 -28.76 3.94
CA TYR A 180 -14.58 -28.93 3.55
C TYR A 180 -14.32 -30.27 2.90
N GLU A 181 -14.93 -31.35 3.41
CA GLU A 181 -14.67 -32.66 2.80
C GLU A 181 -15.47 -32.83 1.54
N ARG A 182 -16.73 -32.40 1.58
CA ARG A 182 -17.52 -32.43 0.37
C ARG A 182 -16.81 -31.58 -0.71
N LEU A 183 -16.26 -30.41 -0.35
CA LEU A 183 -15.48 -29.59 -1.32
C LEU A 183 -14.13 -30.20 -1.68
N ALA A 184 -13.43 -30.77 -0.69
CA ALA A 184 -12.19 -31.51 -0.96
C ALA A 184 -12.43 -32.73 -1.84
N ALA A 185 -13.66 -33.26 -1.89
CA ALA A 185 -14.00 -34.32 -2.85
C ALA A 185 -14.03 -33.73 -4.25
N TYR A 186 -14.80 -32.65 -4.42
CA TYR A 186 -15.07 -32.04 -5.74
C TYR A 186 -13.81 -31.56 -6.45
N LEU A 187 -12.88 -30.98 -5.69
CA LEU A 187 -11.63 -30.43 -6.28
C LEU A 187 -10.75 -31.55 -6.81
N ASP A 188 -10.43 -32.54 -5.96
CA ASP A 188 -9.78 -33.81 -6.37
C ASP A 188 -10.33 -34.35 -7.70
N GLU A 189 -11.65 -34.39 -7.80
CA GLU A 189 -12.33 -34.96 -8.99
C GLU A 189 -12.35 -33.98 -10.15
N LEU A 190 -12.39 -32.69 -9.83
CA LEU A 190 -12.13 -31.64 -10.83
C LEU A 190 -10.69 -31.70 -11.34
N ILE A 191 -9.75 -32.02 -10.43
CA ILE A 191 -8.34 -32.15 -10.76
C ILE A 191 -8.11 -33.37 -11.64
N ASP A 192 -8.71 -34.51 -11.30
CA ASP A 192 -8.53 -35.72 -12.12
C ASP A 192 -9.22 -35.63 -13.48
N ASP A 193 -10.37 -34.97 -13.56
CA ASP A 193 -11.00 -34.80 -14.87
C ASP A 193 -10.07 -34.02 -15.76
N LYS A 194 -9.40 -33.03 -15.19
CA LYS A 194 -8.35 -32.30 -15.92
C LYS A 194 -7.14 -33.18 -16.24
N ARG A 195 -6.69 -33.99 -15.29
CA ARG A 195 -5.58 -34.93 -15.52
C ARG A 195 -5.88 -35.87 -16.69
N SER A 196 -7.09 -36.42 -16.70
CA SER A 196 -7.57 -37.32 -17.75
C SER A 196 -8.14 -36.53 -18.93
N THR A 197 -7.33 -35.70 -19.57
CA THR A 197 -7.83 -34.88 -20.68
C THR A 197 -6.70 -34.33 -21.58
N ALA A 198 -7.10 -33.79 -22.74
CA ALA A 198 -6.17 -33.23 -23.72
C ALA A 198 -5.45 -32.00 -23.14
N PRO A 199 -4.08 -32.03 -23.06
CA PRO A 199 -3.33 -30.89 -22.49
C PRO A 199 -3.46 -29.58 -23.31
N ALA A 200 -3.89 -28.50 -22.65
CA ALA A 200 -4.02 -27.16 -23.26
C ALA A 200 -3.37 -26.11 -22.34
N ASP A 201 -3.29 -24.88 -22.82
CA ASP A 201 -2.47 -23.83 -22.17
C ASP A 201 -3.34 -22.95 -21.25
N ASP A 202 -3.49 -23.43 -20.01
CA ASP A 202 -4.16 -22.68 -18.95
C ASP A 202 -3.63 -23.06 -17.57
N LEU A 203 -3.94 -22.21 -16.60
CA LEU A 203 -3.26 -22.20 -15.30
C LEU A 203 -3.27 -23.52 -14.56
N LEU A 204 -4.36 -24.26 -14.68
CA LEU A 204 -4.49 -25.56 -14.02
C LEU A 204 -3.62 -26.56 -14.79
N GLY A 205 -3.67 -26.47 -16.12
CA GLY A 205 -2.80 -27.25 -16.99
C GLY A 205 -1.37 -27.12 -16.52
N ASP A 206 -0.91 -25.87 -16.44
CA ASP A 206 0.44 -25.56 -15.97
C ASP A 206 0.64 -26.04 -14.54
N LEU A 207 -0.36 -25.81 -13.68
CA LEU A 207 -0.26 -26.29 -12.31
C LEU A 207 -0.07 -27.82 -12.26
N ILE A 208 -0.90 -28.58 -12.99
CA ILE A 208 -0.85 -30.05 -12.90
C ILE A 208 0.46 -30.63 -13.42
N ARG A 209 1.00 -30.05 -14.51
CA ARG A 209 2.33 -30.42 -15.03
C ARG A 209 3.43 -30.24 -13.99
N THR A 210 3.41 -29.10 -13.30
CA THR A 210 4.28 -28.85 -12.16
C THR A 210 4.18 -29.87 -11.01
N ARG A 211 2.96 -30.27 -10.66
CA ARG A 211 2.76 -31.34 -9.65
C ARG A 211 3.51 -32.59 -10.09
N ALA A 212 3.28 -33.05 -11.33
CA ALA A 212 3.96 -34.24 -11.90
C ALA A 212 5.50 -34.13 -11.82
N GLU A 213 6.04 -33.00 -12.29
CA GLU A 213 7.49 -32.73 -12.15
C GLU A 213 7.78 -32.21 -10.73
N ASP A 214 7.70 -33.11 -9.75
CA ASP A 214 7.82 -32.74 -8.34
C ASP A 214 9.30 -32.69 -7.97
N ASP A 215 9.78 -31.49 -7.62
CA ASP A 215 10.96 -31.33 -6.77
C ASP A 215 10.58 -30.43 -5.58
N ASP A 216 9.45 -30.81 -4.97
CA ASP A 216 8.78 -30.03 -3.91
C ASP A 216 8.34 -28.63 -4.38
N ARG A 217 8.17 -28.44 -5.69
CA ARG A 217 7.72 -27.15 -6.24
C ARG A 217 6.20 -27.03 -6.03
N LEU A 218 5.49 -28.12 -6.30
CA LEU A 218 4.07 -28.20 -6.05
C LEU A 218 3.67 -29.62 -5.68
N SER A 219 3.30 -29.82 -4.41
CA SER A 219 2.77 -31.10 -3.97
C SER A 219 1.28 -31.17 -4.31
N GLY A 220 0.79 -32.38 -4.59
CA GLY A 220 -0.65 -32.60 -4.85
C GLY A 220 -1.59 -32.05 -3.78
N GLU A 221 -1.16 -32.10 -2.52
CA GLU A 221 -1.88 -31.47 -1.42
C GLU A 221 -1.99 -29.95 -1.67
N GLU A 222 -0.87 -29.31 -1.94
CA GLU A 222 -0.80 -27.87 -2.30
C GLU A 222 -1.54 -27.51 -3.61
N LEU A 223 -1.57 -28.47 -4.55
CA LEU A 223 -2.31 -28.35 -5.80
C LEU A 223 -3.83 -28.26 -5.62
N ARG A 224 -4.37 -29.12 -4.74
CA ARG A 224 -5.77 -29.02 -4.34
C ARG A 224 -5.98 -27.67 -3.70
N ALA A 225 -5.24 -27.41 -2.63
CA ALA A 225 -5.37 -26.16 -1.89
C ALA A 225 -5.19 -24.84 -2.70
N MET A 226 -4.46 -24.87 -3.82
CA MET A 226 -4.29 -23.70 -4.69
C MET A 226 -5.55 -23.48 -5.50
N ALA A 227 -6.08 -24.59 -6.04
CA ALA A 227 -7.34 -24.56 -6.78
C ALA A 227 -8.47 -24.15 -5.86
N PHE A 228 -8.46 -24.66 -4.64
CA PHE A 228 -9.33 -24.13 -3.58
C PHE A 228 -9.32 -22.61 -3.49
N ILE A 229 -8.16 -22.04 -3.15
CA ILE A 229 -8.07 -20.59 -2.88
C ILE A 229 -8.51 -19.73 -4.06
N LEU A 230 -8.20 -20.15 -5.29
CA LEU A 230 -8.43 -19.29 -6.46
C LEU A 230 -9.91 -19.24 -6.83
N LEU A 231 -10.53 -20.41 -6.81
CA LEU A 231 -11.96 -20.52 -7.02
C LEU A 231 -12.73 -19.82 -5.92
N VAL A 232 -12.37 -20.11 -4.68
CA VAL A 232 -13.11 -19.53 -3.56
C VAL A 232 -12.88 -18.03 -3.38
N ALA A 233 -11.64 -17.60 -3.32
CA ALA A 233 -11.35 -16.16 -3.18
C ALA A 233 -11.90 -15.36 -4.35
N GLY A 234 -11.81 -15.94 -5.55
CA GLY A 234 -12.32 -15.36 -6.78
C GLY A 234 -13.77 -14.94 -6.70
N HIS A 235 -14.54 -15.78 -6.03
CA HIS A 235 -16.00 -15.72 -6.07
C HIS A 235 -16.61 -14.86 -4.92
N GLU A 236 -16.37 -15.20 -3.65
CA GLU A 236 -17.13 -14.47 -2.58
C GLU A 236 -16.91 -12.98 -2.54
N THR A 237 -15.65 -12.61 -2.45
CA THR A 237 -15.18 -11.23 -2.52
C THR A 237 -15.80 -10.41 -3.67
N THR A 238 -15.77 -10.91 -4.91
CA THR A 238 -16.22 -10.14 -6.10
C THR A 238 -17.73 -9.97 -6.20
N VAL A 239 -18.45 -11.02 -5.84
CA VAL A 239 -19.92 -11.03 -5.77
C VAL A 239 -20.30 -9.98 -4.73
N ASN A 240 -19.66 -10.06 -3.58
CA ASN A 240 -19.94 -9.13 -2.53
C ASN A 240 -19.52 -7.73 -2.85
N LEU A 241 -18.51 -7.52 -3.72
CA LEU A 241 -18.14 -6.14 -4.13
C LEU A 241 -19.18 -5.56 -5.06
N ILE A 242 -19.62 -6.40 -6.00
CA ILE A 242 -20.63 -5.96 -6.97
C ILE A 242 -21.93 -5.66 -6.23
N THR A 243 -22.32 -6.56 -5.34
CA THR A 243 -23.53 -6.40 -4.55
C THR A 243 -23.41 -5.20 -3.61
N ASN A 244 -22.34 -5.14 -2.82
CA ASN A 244 -22.16 -4.02 -1.86
C ASN A 244 -22.23 -2.74 -2.66
N GLY A 245 -21.71 -2.77 -3.89
CA GLY A 245 -21.62 -1.57 -4.73
C GLY A 245 -22.96 -1.02 -5.17
N VAL A 246 -23.77 -1.90 -5.73
CA VAL A 246 -25.09 -1.54 -6.23
C VAL A 246 -25.99 -1.04 -5.10
N HIS A 247 -25.99 -1.79 -4.01
CA HIS A 247 -26.75 -1.47 -2.82
C HIS A 247 -26.36 -0.12 -2.17
N THR A 248 -25.06 0.19 -2.12
CA THR A 248 -24.64 1.43 -1.49
C THR A 248 -25.06 2.63 -2.36
N LEU A 249 -24.97 2.46 -3.67
CA LEU A 249 -25.32 3.48 -4.64
C LEU A 249 -26.81 3.81 -4.58
N LEU A 250 -27.63 2.75 -4.49
CA LEU A 250 -29.10 2.87 -4.41
C LEU A 250 -29.61 3.36 -3.04
N THR A 251 -28.84 3.19 -1.97
CA THR A 251 -29.16 3.81 -0.69
C THR A 251 -28.64 5.24 -0.57
N HIS A 252 -27.84 5.70 -1.55
CA HIS A 252 -27.30 7.06 -1.59
C HIS A 252 -27.62 7.69 -2.93
N PRO A 253 -28.90 8.06 -3.17
CA PRO A 253 -29.33 8.54 -4.50
C PRO A 253 -28.62 9.75 -5.11
N ASP A 254 -28.23 10.74 -4.32
CA ASP A 254 -27.46 11.91 -4.85
C ASP A 254 -26.22 11.47 -5.61
N GLN A 255 -25.48 10.55 -5.00
CA GLN A 255 -24.20 10.10 -5.51
C GLN A 255 -24.35 9.29 -6.78
N LEU A 256 -25.34 8.41 -6.78
CA LEU A 256 -25.68 7.66 -7.97
C LEU A 256 -26.02 8.65 -9.09
N ALA A 257 -26.91 9.60 -8.79
CA ALA A 257 -27.34 10.57 -9.80
C ALA A 257 -26.12 11.37 -10.31
N ALA A 258 -25.21 11.68 -9.40
CA ALA A 258 -23.95 12.30 -9.77
C ALA A 258 -23.15 11.40 -10.73
N LEU A 259 -23.13 10.10 -10.46
CA LEU A 259 -22.48 9.10 -11.34
C LEU A 259 -23.22 8.85 -12.67
N ARG A 260 -24.52 8.66 -12.62
CA ARG A 260 -25.32 8.60 -13.84
C ARG A 260 -25.00 9.81 -14.74
N ALA A 261 -24.99 10.99 -14.12
CA ALA A 261 -24.66 12.24 -14.79
C ALA A 261 -23.21 12.32 -15.31
N ASP A 262 -22.29 11.49 -14.80
CA ASP A 262 -20.87 11.54 -15.24
C ASP A 262 -20.10 10.22 -15.00
N MET A 263 -20.21 9.31 -15.97
CA MET A 263 -19.70 7.95 -15.87
C MET A 263 -18.16 7.79 -15.89
N THR A 264 -17.42 8.88 -16.02
CA THR A 264 -15.97 8.80 -15.81
C THR A 264 -15.66 8.60 -14.33
N LEU A 265 -16.57 9.11 -13.47
CA LEU A 265 -16.46 9.00 -12.02
C LEU A 265 -16.61 7.58 -11.47
N LEU A 266 -17.10 6.66 -12.31
CA LEU A 266 -17.27 5.26 -11.97
C LEU A 266 -16.15 4.67 -11.14
N ASP A 267 -14.92 4.93 -11.58
CA ASP A 267 -13.71 4.33 -10.99
C ASP A 267 -13.47 4.83 -9.60
N GLY A 268 -13.53 6.13 -9.39
CA GLY A 268 -13.48 6.69 -8.04
C GLY A 268 -14.58 6.07 -7.19
N ALA A 269 -15.79 6.09 -7.73
CA ALA A 269 -16.94 5.44 -7.14
C ALA A 269 -16.67 4.02 -6.69
N VAL A 270 -16.11 3.21 -7.55
CA VAL A 270 -15.75 1.85 -7.14
C VAL A 270 -14.77 1.85 -5.99
N GLU A 271 -13.74 2.67 -6.04
CA GLU A 271 -12.77 2.75 -4.94
C GLU A 271 -13.42 3.23 -3.63
N GLU A 272 -14.47 4.04 -3.73
CA GLU A 272 -15.17 4.52 -2.57
C GLU A 272 -16.00 3.43 -1.93
N VAL A 273 -16.49 2.49 -2.73
CA VAL A 273 -17.24 1.31 -2.23
C VAL A 273 -16.30 0.39 -1.43
N LEU A 274 -15.16 0.10 -2.04
CA LEU A 274 -14.09 -0.64 -1.39
C LEU A 274 -13.69 -0.03 -0.06
N ARG A 275 -13.68 1.28 0.04
CA ARG A 275 -13.34 1.93 1.31
C ARG A 275 -14.47 1.80 2.32
N PHE A 276 -15.70 2.06 1.85
CA PHE A 276 -16.91 2.24 2.66
C PHE A 276 -17.60 0.96 3.08
N GLU A 277 -17.67 -0.01 2.15
CA GLU A 277 -18.21 -1.34 2.37
C GLU A 277 -17.33 -2.42 1.72
N GLY A 278 -16.08 -2.48 2.18
CA GLY A 278 -15.13 -3.42 1.62
C GLY A 278 -15.58 -4.85 1.86
N PRO A 279 -15.54 -5.69 0.81
CA PRO A 279 -16.09 -7.03 0.99
C PRO A 279 -15.41 -7.87 2.09
N VAL A 280 -14.10 -7.67 2.30
CA VAL A 280 -13.34 -8.38 3.32
C VAL A 280 -13.26 -7.49 4.52
N GLU A 281 -14.07 -7.80 5.53
CA GLU A 281 -14.22 -6.96 6.67
C GLU A 281 -12.97 -7.03 7.51
N THR A 282 -12.59 -8.25 7.86
CA THR A 282 -11.42 -8.49 8.70
C THR A 282 -10.54 -9.56 8.06
N ALA A 283 -9.26 -9.23 7.99
CA ALA A 283 -8.32 -10.02 7.27
C ALA A 283 -8.15 -11.35 7.99
N THR A 284 -7.58 -12.30 7.28
CA THR A 284 -7.50 -13.69 7.63
C THR A 284 -6.39 -13.99 8.67
N TYR A 285 -6.29 -15.26 9.08
CA TYR A 285 -5.61 -15.70 10.30
C TYR A 285 -4.19 -15.23 10.43
N ARG A 286 -3.89 -14.66 11.58
CA ARG A 286 -2.56 -14.25 11.94
C ARG A 286 -2.31 -14.39 13.45
N TYR A 287 -1.12 -14.85 13.85
CA TYR A 287 -0.79 -14.87 15.26
C TYR A 287 0.64 -14.33 15.45
N ALA A 288 0.91 -13.86 16.67
CA ALA A 288 2.20 -13.39 17.07
C ALA A 288 3.15 -14.59 17.23
N ALA A 289 4.24 -14.60 16.47
CA ALA A 289 5.27 -15.66 16.54
C ALA A 289 6.28 -15.35 17.66
N GLU A 290 6.29 -14.09 18.09
CA GLU A 290 7.00 -13.66 19.29
C GLU A 290 6.27 -12.48 19.89
N SER A 291 6.58 -12.14 21.13
CA SER A 291 5.91 -11.03 21.76
C SER A 291 6.27 -9.69 21.07
N MET A 292 5.31 -8.77 21.04
CA MET A 292 5.38 -7.55 20.21
C MET A 292 4.51 -6.46 20.79
N GLU A 293 4.31 -5.39 20.06
CA GLU A 293 3.47 -4.28 20.50
C GLU A 293 2.73 -3.91 19.24
N ILE A 294 1.56 -3.28 19.32
CA ILE A 294 0.92 -2.77 18.07
C ILE A 294 0.54 -1.32 18.09
N GLY A 295 -0.11 -0.85 19.12
CA GLY A 295 -0.23 0.61 19.31
C GLY A 295 0.27 0.98 20.66
N GLY A 296 1.40 0.42 21.04
CA GLY A 296 1.78 0.46 22.44
C GLY A 296 1.01 -0.52 23.30
N THR A 297 0.27 -1.45 22.69
CA THR A 297 -0.40 -2.53 23.42
C THR A 297 0.45 -3.78 23.29
N ALA A 298 0.64 -4.49 24.40
CA ALA A 298 1.53 -5.67 24.48
C ALA A 298 0.83 -6.91 24.01
N ILE A 299 1.36 -7.51 22.97
CA ILE A 299 0.81 -8.72 22.37
C ILE A 299 1.66 -9.93 22.79
N ALA A 300 1.11 -10.84 23.58
CA ALA A 300 1.91 -12.02 23.90
C ALA A 300 2.12 -12.87 22.65
N GLU A 301 3.16 -13.68 22.68
CA GLU A 301 3.42 -14.73 21.69
C GLU A 301 2.23 -15.67 21.69
N GLY A 302 1.90 -16.22 20.51
CA GLY A 302 0.66 -17.02 20.33
C GLY A 302 -0.70 -16.28 20.18
N ASP A 303 -0.83 -15.04 20.66
CA ASP A 303 -2.11 -14.32 20.56
C ASP A 303 -2.50 -14.17 19.09
N PRO A 304 -3.76 -14.47 18.73
CA PRO A 304 -4.27 -14.11 17.42
C PRO A 304 -4.36 -12.60 17.21
N VAL A 305 -4.15 -12.17 15.96
CA VAL A 305 -4.36 -10.78 15.53
C VAL A 305 -5.32 -10.76 14.33
N MET A 306 -6.40 -9.99 14.45
CA MET A 306 -7.47 -9.83 13.45
C MET A 306 -7.38 -8.37 12.96
N ILE A 307 -6.98 -8.19 11.72
CA ILE A 307 -6.74 -6.85 11.21
C ILE A 307 -8.03 -6.42 10.59
N GLY A 308 -8.62 -5.37 11.14
CA GLY A 308 -9.95 -4.92 10.73
C GLY A 308 -9.91 -3.94 9.57
N LEU A 309 -9.98 -4.46 8.35
CA LEU A 309 -9.80 -3.66 7.12
C LEU A 309 -10.93 -2.64 6.89
N ASP A 310 -12.19 -3.10 6.98
CA ASP A 310 -13.34 -2.16 6.92
C ASP A 310 -13.30 -1.17 8.08
N ALA A 311 -12.82 -1.59 9.24
CA ALA A 311 -12.70 -0.69 10.38
C ALA A 311 -11.73 0.39 9.99
N ALA A 312 -10.59 -0.01 9.42
CA ALA A 312 -9.58 0.89 8.87
C ALA A 312 -10.09 1.82 7.78
N GLY A 313 -11.03 1.35 7.00
CA GLY A 313 -11.70 2.16 6.00
C GLY A 313 -12.60 3.26 6.51
N ARG A 314 -13.03 3.20 7.76
CA ARG A 314 -13.75 4.30 8.39
C ARG A 314 -12.95 5.10 9.42
N ASP A 315 -11.61 4.97 9.39
CA ASP A 315 -10.73 5.68 10.33
C ASP A 315 -10.69 7.17 9.96
N PRO A 316 -11.21 8.05 10.87
CA PRO A 316 -11.23 9.53 10.66
C PRO A 316 -9.89 10.18 10.30
N ALA A 317 -8.80 9.62 10.80
CA ALA A 317 -7.47 10.21 10.63
C ALA A 317 -6.83 9.84 9.25
N ARG A 318 -7.26 8.73 8.66
CA ARG A 318 -6.94 8.38 7.26
C ARG A 318 -8.02 8.93 6.28
N HIS A 319 -9.29 8.97 6.72
CA HIS A 319 -10.38 9.38 5.85
C HIS A 319 -11.32 10.31 6.59
N PRO A 320 -11.26 11.62 6.30
CA PRO A 320 -12.18 12.58 6.95
C PRO A 320 -13.64 12.31 6.63
N ASP A 321 -14.51 12.54 7.63
CA ASP A 321 -15.94 12.23 7.55
C ASP A 321 -16.20 10.83 7.04
N PRO A 322 -15.62 9.82 7.72
CA PRO A 322 -15.50 8.48 7.16
C PRO A 322 -16.82 7.85 6.81
N HIS A 323 -17.88 8.16 7.61
CA HIS A 323 -19.22 7.60 7.44
C HIS A 323 -20.03 8.37 6.34
N VAL A 324 -19.35 9.19 5.52
CA VAL A 324 -19.91 9.73 4.28
C VAL A 324 -19.37 9.00 3.03
N PHE A 325 -20.31 8.63 2.17
CA PHE A 325 -20.02 7.98 0.91
C PHE A 325 -19.94 9.09 -0.12
N ASP A 326 -18.75 9.26 -0.69
CA ASP A 326 -18.47 10.40 -1.54
C ASP A 326 -17.72 10.01 -2.82
N ILE A 327 -18.46 9.73 -3.88
CA ILE A 327 -17.87 9.45 -5.21
C ILE A 327 -16.69 10.38 -5.55
N HIS A 328 -16.79 11.64 -5.09
CA HIS A 328 -15.71 12.63 -5.29
C HIS A 328 -14.60 12.64 -4.23
N ARG A 329 -14.52 11.61 -3.41
CA ARG A 329 -13.52 11.58 -2.30
C ARG A 329 -12.11 11.61 -2.88
N ALA A 330 -11.17 12.19 -2.13
CA ALA A 330 -9.88 12.63 -2.66
C ALA A 330 -8.66 11.66 -2.52
N PRO A 331 -8.05 11.58 -1.32
CA PRO A 331 -6.67 11.10 -1.22
C PRO A 331 -6.60 9.64 -0.83
N GLN A 332 -7.65 8.90 -1.14
CA GLN A 332 -8.22 7.94 -0.18
C GLN A 332 -7.64 6.52 -0.15
N GLY A 333 -6.48 6.36 0.48
CA GLY A 333 -5.81 5.06 0.59
C GLY A 333 -6.51 4.12 1.53
N HIS A 334 -7.09 3.05 0.98
CA HIS A 334 -7.80 2.06 1.79
C HIS A 334 -6.93 0.80 1.90
N LEU A 335 -7.41 -0.24 2.55
CA LEU A 335 -6.67 -1.52 2.67
C LEU A 335 -7.54 -2.74 2.29
N ALA A 336 -8.58 -2.52 1.50
CA ALA A 336 -9.49 -3.61 1.06
C ALA A 336 -8.81 -4.80 0.38
N PHE A 337 -7.67 -4.58 -0.28
CA PHE A 337 -6.85 -5.68 -0.85
C PHE A 337 -5.60 -6.18 -0.03
N GLY A 338 -5.50 -5.76 1.24
CA GLY A 338 -4.34 -6.06 2.04
C GLY A 338 -3.16 -5.16 1.68
N HIS A 339 -1.96 -5.70 1.90
CA HIS A 339 -0.70 -4.98 1.91
C HIS A 339 0.39 -6.03 2.23
N GLY A 340 1.57 -5.84 1.67
CA GLY A 340 2.72 -6.64 2.05
C GLY A 340 2.71 -7.90 1.22
N ILE A 341 3.29 -8.97 1.76
CA ILE A 341 3.53 -10.14 0.93
C ILE A 341 2.23 -10.78 0.39
N HIS A 342 1.11 -10.66 1.14
CA HIS A 342 -0.16 -11.36 0.85
C HIS A 342 -1.21 -10.42 0.24
N TYR A 343 -0.76 -9.29 -0.33
CA TYR A 343 -1.70 -8.34 -0.98
C TYR A 343 -2.54 -9.10 -2.04
N CYS A 344 -3.81 -8.75 -2.20
CA CYS A 344 -4.62 -9.49 -3.15
C CYS A 344 -3.95 -9.81 -4.48
N LEU A 345 -3.88 -11.09 -4.79
CA LEU A 345 -3.45 -11.54 -6.10
C LEU A 345 -4.43 -11.14 -7.21
N GLY A 346 -5.69 -10.88 -6.88
CA GLY A 346 -6.72 -10.71 -7.87
C GLY A 346 -7.29 -9.35 -8.04
N ALA A 347 -6.63 -8.34 -7.49
CA ALA A 347 -7.22 -7.00 -7.40
C ALA A 347 -7.43 -6.38 -8.77
N PRO A 348 -6.43 -6.51 -9.68
CA PRO A 348 -6.69 -5.90 -11.02
C PRO A 348 -7.90 -6.60 -11.72
N LEU A 349 -7.98 -7.91 -11.52
CA LEU A 349 -9.14 -8.69 -11.95
C LEU A 349 -10.44 -8.27 -11.29
N ALA A 350 -10.44 -8.14 -9.97
CA ALA A 350 -11.64 -7.72 -9.26
C ALA A 350 -12.11 -6.36 -9.75
N ARG A 351 -11.15 -5.48 -9.94
CA ARG A 351 -11.47 -4.12 -10.28
C ARG A 351 -12.10 -4.11 -11.65
N LEU A 352 -11.50 -4.86 -12.57
CA LEU A 352 -12.06 -5.06 -13.90
C LEU A 352 -13.43 -5.75 -13.85
N GLU A 353 -13.50 -6.92 -13.28
CA GLU A 353 -14.82 -7.58 -13.18
C GLU A 353 -15.89 -6.61 -12.70
N ALA A 354 -15.57 -5.81 -11.65
CA ALA A 354 -16.55 -4.92 -10.98
C ALA A 354 -16.98 -3.71 -11.80
N ARG A 355 -15.98 -3.06 -12.40
CA ARG A 355 -16.18 -1.91 -13.26
C ARG A 355 -17.04 -2.23 -14.50
N VAL A 356 -16.71 -3.31 -15.21
CA VAL A 356 -17.53 -3.74 -16.34
C VAL A 356 -18.98 -3.93 -15.88
N ALA A 357 -19.13 -4.79 -14.87
CA ALA A 357 -20.42 -5.12 -14.30
C ALA A 357 -21.22 -3.87 -13.92
N LEU A 358 -20.64 -2.95 -13.15
CA LEU A 358 -21.38 -1.75 -12.74
C LEU A 358 -21.78 -0.83 -13.89
N ARG A 359 -20.89 -0.64 -14.86
CA ARG A 359 -21.14 0.26 -15.99
C ARG A 359 -22.27 -0.32 -16.84
N SER A 360 -22.08 -1.54 -17.36
CA SER A 360 -23.04 -2.17 -18.26
C SER A 360 -24.47 -2.09 -17.68
N LEU A 361 -24.58 -2.58 -16.44
CA LEU A 361 -25.82 -2.55 -15.66
C LEU A 361 -26.41 -1.15 -15.51
N LEU A 362 -25.59 -0.20 -15.06
CA LEU A 362 -26.12 1.15 -14.84
C LEU A 362 -26.59 1.82 -16.15
N GLU A 363 -25.81 1.62 -17.21
CA GLU A 363 -26.15 2.04 -18.58
C GLU A 363 -27.43 1.42 -19.14
N ARG A 364 -27.68 0.14 -18.82
CA ARG A 364 -28.90 -0.57 -19.29
C ARG A 364 -30.12 -0.61 -18.33
N CYS A 365 -29.97 -0.07 -17.11
CA CYS A 365 -31.04 -0.01 -16.12
C CYS A 365 -31.06 1.38 -15.53
N PRO A 366 -31.64 2.35 -16.26
CA PRO A 366 -31.63 3.74 -15.77
C PRO A 366 -32.61 4.04 -14.63
N ASP A 367 -33.54 3.13 -14.40
CA ASP A 367 -34.48 3.23 -13.28
C ASP A 367 -34.28 2.05 -12.31
N LEU A 368 -33.03 1.62 -12.16
CA LEU A 368 -32.65 0.57 -11.23
C LEU A 368 -33.12 0.98 -9.83
N ALA A 369 -33.61 0.02 -9.05
CA ALA A 369 -34.06 0.35 -7.69
C ALA A 369 -34.10 -0.87 -6.82
N LEU A 370 -34.05 -0.62 -5.52
CA LEU A 370 -34.23 -1.69 -4.52
C LEU A 370 -35.69 -2.11 -4.54
N ASP A 371 -35.94 -3.35 -4.15
CA ASP A 371 -37.30 -3.94 -4.23
C ASP A 371 -37.50 -5.22 -3.40
N GLY A 372 -37.84 -5.13 -2.12
CA GLY A 372 -37.51 -4.04 -1.23
C GLY A 372 -36.37 -4.53 -0.33
N PRO A 373 -36.68 -5.36 0.69
CA PRO A 373 -35.67 -5.60 1.72
C PRO A 373 -34.60 -6.59 1.25
N PRO A 374 -33.32 -6.27 1.52
CA PRO A 374 -32.19 -7.12 1.11
C PRO A 374 -32.12 -8.44 1.88
N GLY A 375 -31.29 -9.37 1.42
CA GLY A 375 -31.17 -10.71 2.05
C GLY A 375 -30.41 -10.69 3.35
N ALA A 376 -30.25 -11.85 3.98
CA ALA A 376 -29.54 -11.95 5.26
C ALA A 376 -28.04 -11.83 5.06
N ARG A 377 -27.38 -11.24 6.05
CA ARG A 377 -25.92 -11.23 6.10
C ARG A 377 -25.41 -12.60 6.56
N PRO A 378 -24.43 -13.20 5.84
CA PRO A 378 -23.86 -14.40 6.42
C PRO A 378 -23.09 -14.06 7.73
N PRO A 379 -22.90 -15.06 8.61
CA PRO A 379 -22.14 -14.85 9.85
C PRO A 379 -20.64 -14.89 9.63
N GLY A 380 -19.88 -14.46 10.62
CA GLY A 380 -18.43 -14.54 10.60
C GLY A 380 -17.82 -13.20 10.28
N MET A 381 -16.54 -13.10 10.56
CA MET A 381 -15.86 -11.85 10.42
C MET A 381 -15.23 -11.71 9.05
N LEU A 382 -15.27 -12.72 8.19
CA LEU A 382 -14.60 -12.60 6.89
C LEU A 382 -15.37 -11.71 5.87
N ILE A 383 -16.67 -11.90 5.71
CA ILE A 383 -17.39 -11.30 4.57
C ILE A 383 -18.37 -10.22 4.98
N ARG A 384 -18.28 -9.07 4.34
CA ARG A 384 -19.26 -8.00 4.49
C ARG A 384 -20.08 -7.96 3.23
N GLY A 385 -21.29 -8.51 3.36
CA GLY A 385 -22.31 -8.32 2.34
C GLY A 385 -23.58 -9.08 2.68
N VAL A 386 -24.60 -8.83 1.86
CA VAL A 386 -25.87 -9.57 1.88
C VAL A 386 -25.82 -10.75 0.90
N ARG A 387 -26.61 -11.80 1.14
CA ARG A 387 -26.57 -12.99 0.28
C ARG A 387 -27.65 -13.14 -0.80
N ARG A 388 -28.69 -12.30 -0.75
CA ARG A 388 -29.70 -12.19 -1.84
C ARG A 388 -30.07 -10.71 -1.91
N LEU A 389 -29.93 -10.08 -3.06
CA LEU A 389 -30.28 -8.65 -3.20
C LEU A 389 -31.34 -8.43 -4.27
N PRO A 390 -32.62 -8.36 -3.84
CA PRO A 390 -33.70 -8.18 -4.83
C PRO A 390 -33.79 -6.74 -5.39
N VAL A 391 -33.68 -6.59 -6.72
CA VAL A 391 -33.81 -5.26 -7.41
C VAL A 391 -34.82 -5.27 -8.54
N ARG A 392 -35.18 -4.07 -9.00
CA ARG A 392 -36.01 -3.90 -10.19
C ARG A 392 -35.43 -2.79 -11.05
N TRP A 393 -35.97 -2.66 -12.27
CA TRP A 393 -35.50 -1.68 -13.26
C TRP A 393 -36.47 -1.35 -14.38
N MET B 1 24.81 -11.64 -16.63
CA MET B 1 25.66 -10.61 -17.30
C MET B 1 25.36 -10.60 -18.79
N GLY B 2 24.64 -9.55 -19.23
CA GLY B 2 24.24 -9.39 -20.64
C GLY B 2 24.00 -7.93 -21.00
N ASN B 3 23.02 -7.68 -21.88
CA ASN B 3 22.79 -6.33 -22.41
C ASN B 3 22.36 -5.28 -21.38
N VAL B 4 23.28 -4.37 -21.10
CA VAL B 4 23.06 -3.21 -20.22
C VAL B 4 22.67 -2.02 -21.08
N ILE B 5 21.64 -1.26 -20.69
CA ILE B 5 21.47 0.06 -21.29
C ILE B 5 21.99 1.09 -20.29
N ASP B 6 22.93 1.93 -20.77
CA ASP B 6 23.56 2.98 -19.96
C ASP B 6 22.67 4.16 -20.05
N LEU B 7 22.21 4.62 -18.89
CA LEU B 7 21.28 5.74 -18.82
C LEU B 7 21.99 7.08 -19.04
N GLY B 8 23.29 7.12 -18.69
CA GLY B 8 24.19 8.21 -19.14
C GLY B 8 23.92 8.64 -20.58
N GLU B 9 23.88 7.66 -21.49
CA GLU B 9 23.74 7.91 -22.94
C GLU B 9 22.42 8.56 -23.39
N TYR B 10 21.50 8.81 -22.46
CA TYR B 10 20.39 9.72 -22.75
C TYR B 10 20.72 11.19 -22.48
N GLY B 11 21.93 11.45 -21.97
CA GLY B 11 22.40 12.81 -21.72
C GLY B 11 21.72 13.39 -20.49
N ALA B 12 21.43 14.68 -20.53
CA ALA B 12 20.78 15.38 -19.43
C ALA B 12 19.34 15.73 -19.78
N ARG B 13 18.83 15.23 -20.91
CA ARG B 13 17.38 15.20 -21.16
C ARG B 13 16.71 14.22 -20.17
N PHE B 14 17.45 13.17 -19.79
CA PHE B 14 16.93 12.13 -18.92
C PHE B 14 16.89 12.53 -17.43
N THR B 15 17.87 13.31 -16.99
CA THR B 15 17.87 13.81 -15.61
C THR B 15 16.72 14.76 -15.41
N GLU B 16 16.64 15.75 -16.29
CA GLU B 16 15.55 16.69 -16.33
C GLU B 16 14.19 16.01 -16.48
N ASP B 17 14.12 14.97 -17.31
CA ASP B 17 12.83 14.31 -17.64
C ASP B 17 12.97 12.81 -17.91
N PRO B 18 12.94 11.99 -16.85
CA PRO B 18 13.21 10.58 -17.00
C PRO B 18 12.08 9.72 -17.56
N TYR B 19 10.89 10.29 -17.69
CA TYR B 19 9.68 9.52 -17.90
C TYR B 19 9.48 8.87 -19.30
N PRO B 20 9.88 9.56 -20.38
CA PRO B 20 9.68 8.94 -21.70
C PRO B 20 10.58 7.74 -21.94
N VAL B 21 11.73 7.71 -21.25
CA VAL B 21 12.61 6.54 -21.19
C VAL B 21 12.03 5.43 -20.32
N TYR B 22 11.52 5.82 -19.14
CA TYR B 22 10.86 4.87 -18.22
C TYR B 22 9.74 4.15 -18.93
N ALA B 23 8.89 4.92 -19.60
CA ALA B 23 7.84 4.45 -20.48
C ALA B 23 8.36 3.52 -21.62
N GLU B 24 9.25 4.02 -22.46
CA GLU B 24 9.85 3.18 -23.48
C GLU B 24 10.18 1.83 -22.88
N LEU B 25 10.87 1.83 -21.73
CA LEU B 25 11.35 0.59 -21.10
C LEU B 25 10.21 -0.29 -20.56
N ARG B 26 9.19 0.35 -20.01
CA ARG B 26 8.03 -0.35 -19.41
C ARG B 26 7.17 -1.10 -20.40
N GLU B 27 7.17 -0.64 -21.64
CA GLU B 27 6.51 -1.31 -22.74
C GLU B 27 7.26 -2.57 -23.14
N ARG B 28 8.58 -2.50 -23.14
CA ARG B 28 9.42 -3.66 -23.39
C ARG B 28 9.38 -4.66 -22.23
N GLY B 29 9.14 -4.17 -21.02
CA GLY B 29 8.97 -5.04 -19.84
C GLY B 29 8.96 -4.28 -18.53
N PRO B 30 8.95 -5.01 -17.41
CA PRO B 30 8.86 -4.41 -16.09
C PRO B 30 10.21 -4.17 -15.41
N VAL B 31 11.25 -4.86 -15.88
CA VAL B 31 12.51 -4.93 -15.18
C VAL B 31 13.64 -5.10 -16.19
N HIS B 32 14.70 -4.33 -16.02
CA HIS B 32 15.78 -4.31 -17.00
C HIS B 32 17.06 -3.96 -16.28
N TRP B 33 18.19 -4.47 -16.80
CA TRP B 33 19.53 -4.18 -16.27
C TRP B 33 20.05 -2.85 -16.82
N VAL B 34 20.67 -2.08 -15.94
CA VAL B 34 20.83 -0.67 -16.17
C VAL B 34 22.11 -0.16 -15.48
N ARG B 35 22.89 0.69 -16.15
CA ARG B 35 23.90 1.53 -15.50
C ARG B 35 23.31 2.92 -15.39
N THR B 36 23.25 3.43 -14.15
CA THR B 36 22.68 4.75 -13.84
C THR B 36 23.63 5.86 -14.30
N PRO B 37 23.12 7.06 -14.53
CA PRO B 37 24.05 8.07 -15.04
C PRO B 37 25.22 8.35 -14.08
N PRO B 38 26.31 8.95 -14.58
CA PRO B 38 27.36 9.45 -13.66
C PRO B 38 26.86 10.66 -12.88
N PRO B 39 27.51 11.00 -11.77
CA PRO B 39 28.70 10.30 -11.26
C PRO B 39 28.35 9.05 -10.40
N GLU B 40 29.32 8.16 -10.22
CA GLU B 40 29.09 6.89 -9.49
C GLU B 40 27.96 6.08 -10.20
N ALA B 41 28.10 6.02 -11.53
CA ALA B 41 27.21 5.30 -12.43
C ALA B 41 27.08 3.81 -12.06
N PHE B 42 26.13 3.55 -11.16
CA PHE B 42 25.93 2.25 -10.53
C PHE B 42 25.11 1.33 -11.45
N GLU B 43 25.26 0.01 -11.29
CA GLU B 43 24.49 -0.94 -12.10
C GLU B 43 23.76 -2.04 -11.33
N GLY B 44 22.57 -2.37 -11.86
CA GLY B 44 21.69 -3.36 -11.26
C GLY B 44 20.31 -3.27 -11.90
N TRP B 45 19.32 -3.95 -11.32
CA TRP B 45 17.99 -4.00 -11.91
C TRP B 45 17.18 -2.73 -11.58
N LEU B 46 16.45 -2.23 -12.56
CA LEU B 46 15.55 -1.13 -12.36
C LEU B 46 14.15 -1.64 -12.56
N VAL B 47 13.30 -1.48 -11.56
CA VAL B 47 11.89 -1.83 -11.68
C VAL B 47 11.09 -0.58 -12.08
N VAL B 48 10.29 -0.72 -13.13
CA VAL B 48 9.57 0.39 -13.72
C VAL B 48 8.05 0.24 -13.78
N GLY B 49 7.55 -0.93 -13.38
CA GLY B 49 6.11 -1.21 -13.33
C GLY B 49 5.62 -1.16 -11.90
N HIS B 50 4.42 -0.61 -11.70
CA HIS B 50 3.80 -0.51 -10.37
C HIS B 50 3.68 -1.85 -9.66
N GLU B 51 3.02 -2.79 -10.31
CA GLU B 51 2.63 -4.05 -9.68
C GLU B 51 3.90 -4.74 -9.18
N GLU B 52 4.99 -4.55 -9.93
CA GLU B 52 6.28 -5.12 -9.57
C GLU B 52 7.06 -4.23 -8.62
N ALA B 53 6.80 -2.94 -8.68
CA ALA B 53 7.39 -2.04 -7.69
C ALA B 53 6.88 -2.43 -6.32
N ARG B 54 5.56 -2.49 -6.25
CA ARG B 54 4.86 -2.87 -5.02
C ARG B 54 5.40 -4.17 -4.44
N ALA B 55 5.48 -5.20 -5.29
CA ALA B 55 5.70 -6.59 -4.86
C ALA B 55 7.16 -6.85 -4.46
N ALA B 56 8.07 -6.20 -5.19
CA ALA B 56 9.48 -6.20 -4.83
C ALA B 56 9.76 -5.41 -3.53
N LEU B 57 8.98 -4.37 -3.24
CA LEU B 57 9.11 -3.69 -1.92
C LEU B 57 8.73 -4.60 -0.81
N ALA B 58 7.94 -5.63 -1.11
CA ALA B 58 7.47 -6.58 -0.09
C ALA B 58 8.18 -7.92 -0.07
N ASP B 59 8.95 -8.20 -1.12
CA ASP B 59 9.55 -9.51 -1.30
C ASP B 59 10.55 -9.68 -0.19
N PRO B 60 10.41 -10.76 0.62
CA PRO B 60 11.31 -11.06 1.70
C PRO B 60 12.68 -11.58 1.26
N ARG B 61 12.82 -11.93 -0.02
CA ARG B 61 14.11 -12.30 -0.58
C ARG B 61 15.03 -11.09 -0.90
N LEU B 62 14.49 -9.87 -0.94
CA LEU B 62 15.34 -8.67 -1.02
C LEU B 62 15.81 -8.19 0.37
N SER B 63 17.13 -8.05 0.51
CA SER B 63 17.79 -7.51 1.71
C SER B 63 18.29 -6.09 1.46
N LYS B 64 18.46 -5.32 2.54
CA LYS B 64 19.06 -3.95 2.49
C LYS B 64 20.42 -3.86 3.19
N ASP B 65 20.89 -5.00 3.71
CA ASP B 65 22.03 -5.06 4.59
C ASP B 65 23.10 -5.83 3.86
N GLY B 66 24.10 -5.10 3.37
CA GLY B 66 25.21 -5.66 2.58
C GLY B 66 26.26 -6.45 3.35
N THR B 67 26.35 -6.21 4.67
CA THR B 67 27.28 -6.95 5.53
C THR B 67 27.03 -8.47 5.53
N LYS B 68 25.79 -8.88 5.28
CA LYS B 68 25.49 -10.29 5.02
C LYS B 68 26.19 -10.83 3.75
N LYS B 69 26.71 -9.96 2.88
CA LYS B 69 27.49 -10.36 1.73
C LYS B 69 28.99 -10.05 1.84
N GLY B 70 29.42 -9.45 2.96
CA GLY B 70 30.82 -9.01 3.12
C GLY B 70 31.10 -7.58 2.69
N LEU B 71 30.20 -6.98 1.91
CA LEU B 71 30.32 -5.56 1.53
C LEU B 71 29.92 -4.70 2.72
N THR B 72 30.35 -3.45 2.72
CA THR B 72 30.12 -2.57 3.86
C THR B 72 30.23 -1.12 3.41
N SER B 73 29.14 -0.61 2.84
CA SER B 73 29.11 0.74 2.25
C SER B 73 29.40 1.85 3.26
N LEU B 74 29.61 3.07 2.76
CA LEU B 74 30.09 4.19 3.56
C LEU B 74 29.19 4.52 4.74
N ASP B 75 27.99 5.00 4.43
CA ASP B 75 26.94 5.30 5.43
C ASP B 75 26.83 4.30 6.59
N VAL B 76 26.99 3.01 6.28
CA VAL B 76 27.03 1.95 7.31
C VAL B 76 28.24 2.13 8.23
N GLU B 77 29.42 2.35 7.65
CA GLU B 77 30.66 2.50 8.43
C GLU B 77 30.60 3.75 9.28
N LEU B 78 30.39 4.89 8.63
CA LEU B 78 30.56 6.17 9.30
C LEU B 78 29.36 6.60 10.13
N MET B 79 28.15 6.36 9.63
CA MET B 79 26.95 6.67 10.41
C MET B 79 26.62 5.57 11.40
N GLY B 80 26.57 4.32 10.92
CA GLY B 80 26.16 3.17 11.73
C GLY B 80 25.01 2.40 11.08
N PRO B 81 24.51 1.34 11.76
CA PRO B 81 23.30 0.67 11.27
C PRO B 81 22.05 1.52 11.55
N TYR B 82 21.31 1.86 10.50
CA TYR B 82 20.07 2.64 10.57
C TYR B 82 18.96 1.92 9.80
N LEU B 83 17.75 2.47 9.87
CA LEU B 83 16.55 1.77 9.43
C LEU B 83 16.63 1.17 8.01
N LEU B 84 17.25 1.88 7.07
CA LEU B 84 17.23 1.46 5.67
C LEU B 84 18.39 0.56 5.26
N VAL B 85 19.15 0.03 6.20
CA VAL B 85 20.27 -0.82 5.82
C VAL B 85 20.34 -2.04 6.71
N VAL B 86 19.19 -2.39 7.30
CA VAL B 86 19.07 -3.54 8.17
C VAL B 86 17.80 -4.27 7.77
N ASP B 87 17.75 -5.56 8.07
CA ASP B 87 16.54 -6.32 7.87
C ASP B 87 15.99 -6.71 9.23
N PRO B 88 14.77 -7.28 9.26
CA PRO B 88 14.36 -7.85 10.56
C PRO B 88 15.35 -8.97 10.96
N PRO B 89 15.56 -9.24 12.26
CA PRO B 89 14.83 -8.63 13.41
C PRO B 89 15.38 -7.29 13.90
N GLU B 90 16.52 -6.85 13.40
CA GLU B 90 17.10 -5.61 13.88
C GLU B 90 16.24 -4.42 13.38
N HIS B 91 15.73 -4.51 12.15
CA HIS B 91 14.85 -3.47 11.64
C HIS B 91 13.72 -3.16 12.62
N THR B 92 13.09 -4.24 13.05
CA THR B 92 11.95 -4.21 13.89
C THR B 92 12.27 -3.45 15.19
N ARG B 93 13.38 -3.81 15.82
CA ARG B 93 13.75 -3.26 17.12
C ARG B 93 14.04 -1.80 17.00
N LEU B 94 14.89 -1.45 16.04
CA LEU B 94 15.21 -0.06 15.83
C LEU B 94 13.93 0.67 15.46
N ARG B 95 13.10 0.07 14.62
CA ARG B 95 11.88 0.79 14.25
C ARG B 95 10.98 1.07 15.45
N SER B 96 10.88 0.12 16.36
CA SER B 96 9.97 0.26 17.51
C SER B 96 10.36 1.41 18.40
N LEU B 97 11.61 1.81 18.37
CA LEU B 97 12.07 2.88 19.25
C LEU B 97 11.57 4.23 18.79
N VAL B 98 11.21 4.37 17.51
CA VAL B 98 10.76 5.65 16.92
C VAL B 98 9.33 5.71 16.34
N ALA B 99 8.61 4.58 16.25
CA ALA B 99 7.28 4.61 15.60
C ALA B 99 6.26 5.50 16.31
N ARG B 100 6.23 5.43 17.63
CA ARG B 100 5.24 6.18 18.45
C ARG B 100 5.35 7.70 18.31
N ALA B 101 6.58 8.18 18.09
CA ALA B 101 6.86 9.58 17.77
C ALA B 101 6.23 10.14 16.46
N PHE B 102 5.93 9.27 15.49
CA PHE B 102 5.47 9.67 14.17
C PHE B 102 4.07 9.18 13.72
N THR B 103 3.17 8.87 14.65
CA THR B 103 1.76 8.57 14.31
C THR B 103 0.91 9.81 13.91
N MET B 104 -0.13 9.58 13.12
CA MET B 104 -1.11 10.64 12.76
C MET B 104 -1.57 11.50 13.95
N ARG B 105 -1.92 10.88 15.08
CA ARG B 105 -2.38 11.56 16.31
C ARG B 105 -1.37 12.58 16.80
N ARG B 106 -0.11 12.13 16.91
CA ARG B 106 0.96 12.92 17.49
C ARG B 106 1.44 14.00 16.53
N VAL B 107 1.63 13.59 15.27
CA VAL B 107 1.88 14.52 14.18
C VAL B 107 0.84 15.65 14.09
N GLU B 108 -0.44 15.37 14.33
CA GLU B 108 -1.49 16.41 14.26
C GLU B 108 -1.30 17.47 15.35
N ALA B 109 -0.78 17.05 16.51
CA ALA B 109 -0.53 17.98 17.59
C ALA B 109 0.57 19.01 17.23
N LEU B 110 1.34 18.76 16.16
CA LEU B 110 2.30 19.76 15.66
C LEU B 110 1.67 20.79 14.73
N ARG B 111 0.50 20.52 14.16
CA ARG B 111 -0.18 21.48 13.29
C ARG B 111 0.01 22.96 13.68
N PRO B 112 -0.43 23.38 14.89
CA PRO B 112 -0.39 24.83 15.22
C PRO B 112 1.00 25.43 15.08
N ARG B 113 1.98 24.68 15.56
CA ARG B 113 3.38 25.05 15.45
C ARG B 113 3.92 25.08 14.00
N ILE B 114 3.57 24.10 13.17
CA ILE B 114 3.92 24.09 11.73
C ILE B 114 3.25 25.26 11.01
N GLN B 115 1.98 25.49 11.32
CA GLN B 115 1.29 26.71 10.84
C GLN B 115 2.05 27.99 11.24
N GLU B 116 2.52 28.06 12.49
CA GLU B 116 3.15 29.27 12.99
C GLU B 116 4.50 29.51 12.31
N ILE B 117 5.27 28.44 12.15
CA ILE B 117 6.52 28.49 11.38
C ILE B 117 6.21 29.01 9.97
N THR B 118 5.22 28.45 9.32
CA THR B 118 4.91 28.81 7.94
C THR B 118 4.51 30.28 7.76
N ASP B 119 3.69 30.74 8.70
CA ASP B 119 3.32 32.17 8.82
C ASP B 119 4.51 33.14 8.93
N GLY B 120 5.48 32.82 9.78
CA GLY B 120 6.71 33.63 9.95
C GLY B 120 7.57 33.65 8.68
N LEU B 121 7.68 32.50 8.02
CA LEU B 121 8.45 32.43 6.75
C LEU B 121 7.81 33.24 5.66
N LEU B 122 6.50 33.12 5.51
CA LEU B 122 5.79 33.94 4.52
C LEU B 122 5.83 35.41 4.91
N ASP B 123 5.61 35.74 6.20
CA ASP B 123 5.79 37.13 6.67
C ASP B 123 7.13 37.68 6.22
N GLU B 124 8.19 36.92 6.49
CA GLU B 124 9.56 37.36 6.20
C GLU B 124 9.75 37.48 4.71
N MET B 125 9.18 36.55 3.94
CA MET B 125 9.38 36.50 2.50
C MET B 125 8.48 37.47 1.70
N LEU B 126 7.24 37.64 2.08
CA LEU B 126 6.24 38.28 1.21
C LEU B 126 6.68 39.66 0.72
N PRO B 127 7.00 40.60 1.67
CA PRO B 127 7.28 42.02 1.38
C PRO B 127 8.38 42.31 0.37
N ARG B 128 9.24 41.34 0.08
CA ARG B 128 10.27 41.57 -0.92
C ARG B 128 9.85 41.28 -2.35
N GLY B 129 8.60 40.85 -2.55
CA GLY B 129 8.00 40.73 -3.88
C GLY B 129 8.44 39.57 -4.77
N ARG B 130 9.68 39.11 -4.62
CA ARG B 130 10.19 37.90 -5.31
C ARG B 130 11.31 37.18 -4.52
N ALA B 131 11.54 35.88 -4.78
CA ALA B 131 12.62 35.10 -4.13
C ALA B 131 12.80 33.65 -4.61
N ASP B 132 13.93 33.05 -4.20
CA ASP B 132 14.12 31.60 -4.20
C ASP B 132 13.11 31.02 -3.20
N LEU B 133 12.15 30.25 -3.70
CA LEU B 133 11.20 29.65 -2.80
C LEU B 133 11.89 28.66 -1.87
N VAL B 134 12.95 28.01 -2.33
CA VAL B 134 13.62 27.07 -1.46
C VAL B 134 14.30 27.72 -0.24
N ASP B 135 15.25 28.63 -0.45
CA ASP B 135 15.94 29.26 0.67
C ASP B 135 14.94 29.96 1.59
N SER B 136 13.97 30.62 0.99
CA SER B 136 13.09 31.51 1.71
C SER B 136 12.00 30.80 2.44
N PHE B 137 11.69 29.55 2.06
CA PHE B 137 10.42 28.95 2.53
C PHE B 137 10.41 27.45 2.73
N ALA B 138 10.68 26.73 1.65
CA ALA B 138 10.55 25.29 1.56
C ALA B 138 11.70 24.51 2.25
N TYR B 139 12.88 25.13 2.41
CA TYR B 139 13.93 24.51 3.22
C TYR B 139 13.69 24.78 4.70
N PRO B 140 13.59 26.06 5.10
CA PRO B 140 13.58 26.26 6.55
C PRO B 140 12.45 25.60 7.29
N LEU B 141 11.26 25.46 6.69
CA LEU B 141 10.11 24.85 7.41
C LEU B 141 10.40 23.43 7.86
N PRO B 142 10.77 22.53 6.93
CA PRO B 142 11.05 21.18 7.44
C PRO B 142 12.25 21.05 8.38
N ILE B 143 13.37 21.68 8.03
CA ILE B 143 14.56 21.65 8.90
C ILE B 143 14.33 22.28 10.31
N THR B 144 13.42 23.25 10.42
CA THR B 144 13.01 23.75 11.74
C THR B 144 12.08 22.75 12.50
N VAL B 145 11.22 22.08 11.74
CA VAL B 145 10.26 21.19 12.33
C VAL B 145 10.97 19.96 12.87
N ILE B 146 11.82 19.40 12.07
CA ILE B 146 12.50 18.19 12.46
C ILE B 146 13.49 18.43 13.60
N CYS B 147 14.17 19.56 13.60
CA CYS B 147 15.11 19.90 14.68
C CYS B 147 14.35 20.15 15.97
N GLU B 148 13.17 20.75 15.89
CA GLU B 148 12.35 20.90 17.08
C GLU B 148 11.78 19.59 17.65
N LEU B 149 11.46 18.64 16.78
CA LEU B 149 10.88 17.37 17.19
C LEU B 149 11.92 16.57 18.03
N LEU B 150 13.22 16.73 17.73
CA LEU B 150 14.25 15.86 18.28
C LEU B 150 14.68 15.95 19.76
N GLY B 151 15.06 17.11 20.32
CA GLY B 151 14.99 18.41 19.74
C GLY B 151 16.33 19.09 19.96
N VAL B 152 16.77 19.83 18.96
CA VAL B 152 18.12 20.39 18.88
C VAL B 152 18.07 21.61 17.95
N PRO B 153 17.60 22.78 18.45
CA PRO B 153 17.33 23.92 17.55
C PRO B 153 18.54 24.83 17.19
N ASP B 154 19.59 24.83 18.02
CA ASP B 154 20.76 25.71 17.83
C ASP B 154 21.82 25.12 16.92
N ILE B 155 21.49 23.96 16.37
CA ILE B 155 22.12 23.39 15.19
C ILE B 155 22.66 24.39 14.08
N ASP B 156 23.86 24.10 13.57
CA ASP B 156 24.36 24.75 12.34
C ASP B 156 23.71 24.09 11.11
N ARG B 157 22.64 24.72 10.64
CA ARG B 157 21.83 24.23 9.57
C ARG B 157 22.48 24.29 8.19
N VAL B 158 23.40 25.23 8.01
CA VAL B 158 23.95 25.48 6.67
C VAL B 158 25.01 24.44 6.39
N THR B 159 25.87 24.19 7.37
CA THR B 159 26.76 23.04 7.31
C THR B 159 25.92 21.76 7.17
N PHE B 160 24.85 21.66 7.94
CA PHE B 160 24.02 20.50 7.84
C PHE B 160 23.46 20.29 6.44
N ARG B 161 22.87 21.34 5.89
CA ARG B 161 22.26 21.28 4.59
C ARG B 161 23.24 20.74 3.57
N ALA B 162 24.41 21.33 3.51
CA ALA B 162 25.38 21.02 2.46
C ALA B 162 25.86 19.60 2.62
N LEU B 163 26.03 19.15 3.87
CA LEU B 163 26.43 17.75 4.04
C LEU B 163 25.29 16.81 3.64
N SER B 164 24.09 17.15 4.07
CA SER B 164 22.94 16.38 3.74
C SER B 164 22.75 16.34 2.21
N ASN B 165 22.96 17.49 1.57
CA ASN B 165 22.74 17.62 0.12
C ASN B 165 23.67 16.72 -0.67
N GLU B 166 24.93 16.67 -0.21
CA GLU B 166 25.94 15.82 -0.79
C GLU B 166 25.64 14.34 -0.61
N ILE B 167 25.32 13.91 0.60
CA ILE B 167 25.10 12.47 0.79
C ILE B 167 23.87 11.96 -0.01
N VAL B 168 22.85 12.80 -0.29
CA VAL B 168 21.68 12.34 -1.11
C VAL B 168 21.84 12.51 -2.63
N ALA B 169 22.75 13.36 -3.05
CA ALA B 169 23.03 13.61 -4.43
C ALA B 169 24.55 13.71 -4.55
N PRO B 170 25.28 12.57 -4.42
CA PRO B 170 26.72 12.66 -4.44
C PRO B 170 27.26 13.21 -5.77
N THR B 171 28.20 14.17 -5.63
CA THR B 171 28.88 14.80 -6.75
C THR B 171 30.11 13.99 -7.14
N GLY B 172 30.80 13.39 -6.18
CA GLY B 172 31.89 12.45 -6.49
C GLY B 172 32.40 11.59 -5.34
N GLY B 173 33.26 10.63 -5.66
CA GLY B 173 33.79 9.69 -4.68
C GLY B 173 34.43 10.30 -3.44
N ASP B 174 35.08 11.46 -3.60
CA ASP B 174 35.86 12.11 -2.53
C ASP B 174 34.99 13.02 -1.68
N ALA B 175 34.26 13.91 -2.36
CA ALA B 175 33.26 14.81 -1.76
C ALA B 175 32.29 14.04 -0.88
N GLU B 176 31.70 13.00 -1.45
CA GLU B 176 30.89 12.02 -0.72
C GLU B 176 31.59 11.50 0.54
N LEU B 177 32.80 10.96 0.33
CA LEU B 177 33.60 10.43 1.45
C LEU B 177 33.75 11.54 2.50
N ALA B 178 34.09 12.74 2.07
CA ALA B 178 34.34 13.86 2.98
C ALA B 178 33.11 14.19 3.82
N ALA B 179 31.97 14.32 3.16
CA ALA B 179 30.74 14.78 3.82
C ALA B 179 30.23 13.79 4.87
N TYR B 180 30.29 12.51 4.52
CA TYR B 180 29.99 11.43 5.46
C TYR B 180 30.85 11.48 6.71
N GLU B 181 32.18 11.60 6.52
CA GLU B 181 33.11 11.70 7.69
C GLU B 181 32.94 13.04 8.44
N ARG B 182 32.56 14.10 7.72
CA ARG B 182 32.24 15.37 8.36
C ARG B 182 30.92 15.33 9.16
N LEU B 183 29.91 14.60 8.67
CA LEU B 183 28.60 14.57 9.32
C LEU B 183 28.54 13.62 10.49
N ALA B 184 29.19 12.49 10.33
CA ALA B 184 29.50 11.60 11.46
C ALA B 184 29.98 12.39 12.68
N ALA B 185 30.96 13.26 12.44
CA ALA B 185 31.62 14.04 13.51
C ALA B 185 30.68 15.06 14.13
N TYR B 186 30.02 15.81 13.24
CA TYR B 186 29.03 16.79 13.61
C TYR B 186 27.95 16.16 14.45
N LEU B 187 27.48 14.99 14.00
CA LEU B 187 26.50 14.25 14.77
C LEU B 187 27.04 13.77 16.11
N ASP B 188 28.29 13.29 16.12
CA ASP B 188 28.94 12.89 17.41
C ASP B 188 29.00 14.08 18.36
N GLU B 189 29.40 15.24 17.86
CA GLU B 189 29.40 16.48 18.67
C GLU B 189 28.01 16.81 19.19
N LEU B 190 27.04 16.69 18.28
CA LEU B 190 25.65 17.02 18.58
C LEU B 190 25.06 16.17 19.71
N ILE B 191 25.23 14.87 19.59
CA ILE B 191 24.72 13.92 20.59
C ILE B 191 25.33 14.23 21.96
N ASP B 192 26.66 14.41 22.02
CA ASP B 192 27.34 14.75 23.29
C ASP B 192 26.79 15.99 23.97
N ASP B 193 26.52 17.04 23.19
CA ASP B 193 25.97 18.27 23.75
C ASP B 193 24.57 18.04 24.29
N LYS B 194 23.82 17.17 23.64
CA LYS B 194 22.51 16.78 24.15
C LYS B 194 22.60 15.94 25.41
N ARG B 195 23.59 15.04 25.46
CA ARG B 195 23.86 14.28 26.68
C ARG B 195 24.21 15.22 27.85
N SER B 196 24.88 16.33 27.53
CA SER B 196 25.35 17.31 28.52
C SER B 196 24.30 18.24 29.13
N THR B 197 23.19 18.46 28.44
CA THR B 197 21.96 18.94 29.10
C THR B 197 21.35 17.73 29.79
N ALA B 198 20.38 17.95 30.68
CA ALA B 198 19.71 16.85 31.42
C ALA B 198 18.29 16.49 30.93
N PRO B 199 17.33 17.43 31.07
CA PRO B 199 15.93 17.04 31.02
C PRO B 199 15.36 17.19 29.62
N ALA B 200 15.86 16.36 28.72
CA ALA B 200 15.45 16.44 27.33
C ALA B 200 14.13 15.71 27.14
N ASP B 201 13.00 16.42 27.18
CA ASP B 201 11.69 15.76 27.07
C ASP B 201 11.24 15.51 25.62
N ASP B 202 12.08 14.82 24.86
CA ASP B 202 11.93 14.76 23.40
C ASP B 202 12.58 13.50 22.83
N LEU B 203 12.27 13.19 21.56
CA LEU B 203 12.65 11.89 21.01
C LEU B 203 14.15 11.57 21.12
N LEU B 204 15.03 12.53 20.88
CA LEU B 204 16.49 12.29 21.00
C LEU B 204 16.92 12.12 22.45
N GLY B 205 16.38 12.97 23.33
CA GLY B 205 16.46 12.78 24.76
C GLY B 205 16.09 11.35 25.10
N ASP B 206 14.89 10.94 24.73
CA ASP B 206 14.47 9.57 24.98
C ASP B 206 15.45 8.60 24.39
N LEU B 207 15.90 8.87 23.16
CA LEU B 207 16.82 7.96 22.50
C LEU B 207 18.17 7.81 23.23
N ILE B 208 18.73 8.92 23.77
CA ILE B 208 20.06 8.87 24.44
C ILE B 208 19.96 8.08 25.77
N ARG B 209 18.87 8.26 26.50
CA ARG B 209 18.60 7.46 27.70
C ARG B 209 18.47 5.94 27.39
N THR B 210 17.79 5.60 26.30
CA THR B 210 17.71 4.20 25.83
C THR B 210 19.09 3.59 25.54
N ARG B 211 19.96 4.32 24.86
CA ARG B 211 21.31 3.79 24.57
C ARG B 211 22.10 3.51 25.85
N ALA B 212 22.11 4.52 26.74
CA ALA B 212 22.77 4.46 28.05
C ALA B 212 22.36 3.24 28.88
N GLU B 213 21.08 2.88 28.83
CA GLU B 213 20.60 1.63 29.43
C GLU B 213 21.26 0.42 28.77
N ASP B 214 21.61 -0.56 29.60
CA ASP B 214 22.48 -1.68 29.18
C ASP B 214 21.74 -2.81 28.45
N ASP B 215 20.58 -2.50 27.87
CA ASP B 215 19.92 -3.40 26.93
C ASP B 215 20.56 -3.10 25.55
N ASP B 216 20.50 -4.09 24.66
CA ASP B 216 20.90 -3.91 23.26
C ASP B 216 19.80 -3.25 22.42
N ARG B 217 18.82 -2.66 23.10
CA ARG B 217 17.81 -1.81 22.49
C ARG B 217 18.43 -0.87 21.48
N LEU B 218 19.55 -0.21 21.86
CA LEU B 218 20.20 0.79 21.00
C LEU B 218 21.71 0.98 21.22
N SER B 219 22.54 0.58 20.27
CA SER B 219 23.99 0.81 20.35
C SER B 219 24.39 2.29 20.12
N GLY B 220 25.61 2.64 20.51
CA GLY B 220 26.14 3.96 20.21
C GLY B 220 26.26 4.24 18.72
N GLU B 221 26.65 3.26 17.93
CA GLU B 221 26.73 3.54 16.51
C GLU B 221 25.32 3.58 15.83
N GLU B 222 24.37 2.85 16.43
CA GLU B 222 22.95 2.90 16.05
C GLU B 222 22.28 4.25 16.40
N LEU B 223 22.56 4.76 17.61
CA LEU B 223 22.11 6.11 18.02
C LEU B 223 22.57 7.19 17.05
N ARG B 224 23.85 7.18 16.68
CA ARG B 224 24.34 8.11 15.66
C ARG B 224 23.56 7.92 14.36
N ALA B 225 23.47 6.68 13.89
CA ALA B 225 22.79 6.38 12.60
C ALA B 225 21.28 6.70 12.62
N MET B 226 20.65 6.58 13.78
CA MET B 226 19.26 6.98 13.90
C MET B 226 19.11 8.47 13.61
N ALA B 227 19.85 9.29 14.37
CA ALA B 227 19.78 10.73 14.20
C ALA B 227 20.21 11.17 12.79
N PHE B 228 21.23 10.55 12.23
CA PHE B 228 21.54 10.73 10.79
C PHE B 228 20.27 10.64 9.94
N ILE B 229 19.51 9.55 10.10
CA ILE B 229 18.35 9.33 9.22
C ILE B 229 17.13 10.20 9.55
N LEU B 230 16.90 10.41 10.83
CA LEU B 230 15.78 11.23 11.18
C LEU B 230 16.01 12.62 10.61
N LEU B 231 17.22 13.13 10.74
CA LEU B 231 17.48 14.46 10.27
C LEU B 231 17.53 14.56 8.77
N VAL B 232 18.13 13.59 8.12
CA VAL B 232 18.26 13.64 6.68
C VAL B 232 16.96 13.30 5.93
N ALA B 233 16.26 12.24 6.32
CA ALA B 233 15.03 11.86 5.60
C ALA B 233 13.95 12.93 5.77
N GLY B 234 13.96 13.63 6.91
CA GLY B 234 13.06 14.75 7.15
C GLY B 234 13.20 15.88 6.17
N HIS B 235 14.41 16.04 5.67
CA HIS B 235 14.87 17.26 5.07
C HIS B 235 14.62 17.26 3.57
N GLU B 236 15.47 16.61 2.78
CA GLU B 236 15.38 16.81 1.31
C GLU B 236 14.09 16.37 0.67
N THR B 237 13.52 15.29 1.18
CA THR B 237 12.24 14.78 0.68
C THR B 237 11.11 15.83 0.73
N THR B 238 10.99 16.48 1.90
CA THR B 238 9.92 17.40 2.21
C THR B 238 10.16 18.73 1.56
N VAL B 239 11.40 19.22 1.61
CA VAL B 239 11.72 20.37 0.76
C VAL B 239 11.28 20.12 -0.70
N ASN B 240 11.76 19.02 -1.28
CA ASN B 240 11.36 18.69 -2.65
C ASN B 240 9.90 18.51 -2.87
N LEU B 241 9.17 17.93 -1.89
CA LEU B 241 7.74 17.78 -2.07
C LEU B 241 7.12 19.12 -2.29
N ILE B 242 7.41 20.04 -1.36
CA ILE B 242 6.82 21.35 -1.33
C ILE B 242 7.17 22.06 -2.63
N THR B 243 8.44 22.06 -2.99
CA THR B 243 8.93 22.67 -4.24
C THR B 243 8.41 22.03 -5.53
N ASN B 244 8.45 20.70 -5.66
CA ASN B 244 7.90 20.06 -6.89
C ASN B 244 6.43 20.44 -7.00
N GLY B 245 5.75 20.55 -5.84
CA GLY B 245 4.34 20.96 -5.76
C GLY B 245 4.02 22.25 -6.49
N VAL B 246 4.32 23.37 -5.86
CA VAL B 246 4.30 24.70 -6.48
C VAL B 246 4.83 24.75 -7.96
N HIS B 247 5.91 24.06 -8.24
CA HIS B 247 6.44 24.05 -9.61
C HIS B 247 5.50 23.42 -10.64
N THR B 248 4.92 22.29 -10.31
CA THR B 248 4.04 21.60 -11.27
C THR B 248 2.71 22.31 -11.32
N LEU B 249 2.29 22.89 -10.20
CA LEU B 249 1.10 23.72 -10.13
C LEU B 249 1.17 24.86 -11.10
N LEU B 250 2.28 25.59 -11.05
CA LEU B 250 2.49 26.77 -11.88
C LEU B 250 2.83 26.44 -13.35
N THR B 251 3.30 25.22 -13.63
CA THR B 251 3.39 24.71 -15.02
C THR B 251 2.08 24.08 -15.56
N HIS B 252 1.02 24.11 -14.75
CA HIS B 252 -0.29 23.57 -15.11
C HIS B 252 -1.36 24.52 -14.55
N PRO B 253 -1.49 25.73 -15.17
CA PRO B 253 -2.41 26.78 -14.67
C PRO B 253 -3.90 26.39 -14.66
N ASP B 254 -4.27 25.44 -15.52
CA ASP B 254 -5.58 24.77 -15.52
C ASP B 254 -5.97 24.38 -14.12
N GLN B 255 -5.10 23.58 -13.54
CA GLN B 255 -5.36 22.87 -12.31
C GLN B 255 -5.22 23.84 -11.16
N LEU B 256 -4.26 24.76 -11.27
CA LEU B 256 -4.03 25.73 -10.24
C LEU B 256 -5.25 26.62 -10.10
N ALA B 257 -5.75 27.10 -11.24
CA ALA B 257 -6.98 27.90 -11.22
C ALA B 257 -8.14 27.06 -10.65
N ALA B 258 -8.28 25.82 -11.15
CA ALA B 258 -9.25 24.84 -10.58
C ALA B 258 -9.18 24.76 -9.05
N LEU B 259 -7.94 24.71 -8.52
CA LEU B 259 -7.66 24.61 -7.09
C LEU B 259 -7.96 25.87 -6.31
N ARG B 260 -7.54 27.01 -6.82
CA ARG B 260 -7.88 28.26 -6.11
C ARG B 260 -9.41 28.45 -6.06
N ALA B 261 -10.09 28.12 -7.16
CA ALA B 261 -11.58 28.11 -7.20
C ALA B 261 -12.21 27.25 -6.08
N ASP B 262 -11.58 26.11 -5.76
CA ASP B 262 -12.04 25.19 -4.68
C ASP B 262 -10.87 24.62 -3.85
N MET B 263 -10.55 25.25 -2.72
CA MET B 263 -9.38 24.83 -1.94
C MET B 263 -9.60 23.55 -1.10
N THR B 264 -10.80 22.99 -1.16
CA THR B 264 -11.01 21.65 -0.63
C THR B 264 -10.28 20.59 -1.44
N LEU B 265 -9.96 20.90 -2.70
CA LEU B 265 -9.21 19.98 -3.58
C LEU B 265 -7.73 19.86 -3.23
N LEU B 266 -7.23 20.81 -2.44
CA LEU B 266 -5.83 20.89 -2.04
C LEU B 266 -5.15 19.54 -1.77
N ASP B 267 -5.68 18.75 -0.85
CA ASP B 267 -5.01 17.52 -0.43
C ASP B 267 -4.93 16.50 -1.55
N GLY B 268 -5.82 16.65 -2.51
CA GLY B 268 -5.94 15.72 -3.59
C GLY B 268 -4.93 16.08 -4.60
N ALA B 269 -4.52 17.35 -4.61
CA ALA B 269 -3.41 17.84 -5.45
C ALA B 269 -2.08 17.34 -4.98
N VAL B 270 -1.81 17.54 -3.71
CA VAL B 270 -0.63 16.98 -3.06
C VAL B 270 -0.42 15.51 -3.44
N GLU B 271 -1.51 14.72 -3.40
CA GLU B 271 -1.48 13.29 -3.77
C GLU B 271 -1.14 13.10 -5.25
N GLU B 272 -1.71 13.96 -6.12
CA GLU B 272 -1.30 14.00 -7.50
C GLU B 272 0.13 14.40 -7.69
N VAL B 273 0.63 15.38 -6.89
CA VAL B 273 2.07 15.76 -6.97
C VAL B 273 2.96 14.57 -6.63
N LEU B 274 2.63 13.92 -5.53
CA LEU B 274 3.35 12.72 -5.03
C LEU B 274 3.35 11.61 -6.08
N ARG B 275 2.30 11.52 -6.87
CA ARG B 275 2.24 10.48 -7.91
C ARG B 275 3.15 10.85 -9.07
N PHE B 276 2.97 12.11 -9.50
CA PHE B 276 3.44 12.64 -10.76
C PHE B 276 4.88 13.17 -10.72
N GLU B 277 5.25 13.86 -9.63
CA GLU B 277 6.64 14.22 -9.35
C GLU B 277 6.99 13.89 -7.89
N GLY B 278 7.17 12.61 -7.60
CA GLY B 278 7.37 12.17 -6.22
C GLY B 278 8.80 12.38 -5.82
N PRO B 279 9.07 13.06 -4.70
CA PRO B 279 10.45 13.44 -4.36
C PRO B 279 11.49 12.32 -4.32
N VAL B 280 11.08 11.08 -4.16
CA VAL B 280 12.02 9.98 -4.13
C VAL B 280 11.85 9.26 -5.44
N GLU B 281 12.77 9.48 -6.37
CA GLU B 281 12.60 8.90 -7.71
C GLU B 281 12.87 7.41 -7.66
N THR B 282 13.91 7.05 -6.93
CA THR B 282 14.40 5.67 -6.88
C THR B 282 14.69 5.26 -5.46
N ALA B 283 14.04 4.16 -5.08
CA ALA B 283 14.12 3.57 -3.76
C ALA B 283 15.51 3.06 -3.46
N THR B 284 15.80 3.07 -2.18
CA THR B 284 17.08 2.81 -1.63
C THR B 284 17.50 1.36 -1.72
N TYR B 285 18.63 1.05 -1.10
CA TYR B 285 19.45 -0.09 -1.44
C TYR B 285 18.83 -1.40 -1.16
N ARG B 286 18.71 -2.20 -2.18
CA ARG B 286 18.21 -3.54 -2.05
C ARG B 286 19.03 -4.45 -2.92
N TYR B 287 19.38 -5.63 -2.41
CA TYR B 287 19.95 -6.67 -3.29
C TYR B 287 19.25 -7.98 -3.10
N ALA B 288 19.34 -8.85 -4.09
CA ALA B 288 18.81 -10.21 -3.99
C ALA B 288 19.57 -11.07 -2.96
N ALA B 289 18.89 -11.49 -1.90
CA ALA B 289 19.48 -12.42 -0.94
C ALA B 289 19.52 -13.85 -1.46
N GLU B 290 18.71 -14.15 -2.49
CA GLU B 290 18.78 -15.44 -3.18
C GLU B 290 18.33 -15.32 -4.63
N SER B 291 18.60 -16.35 -5.42
CA SER B 291 18.02 -16.49 -6.78
C SER B 291 16.53 -16.30 -6.68
N MET B 292 15.97 -15.55 -7.61
CA MET B 292 14.55 -15.17 -7.58
C MET B 292 14.09 -14.71 -8.97
N GLU B 293 12.91 -14.11 -9.08
CA GLU B 293 12.51 -13.45 -10.33
C GLU B 293 11.48 -12.35 -10.11
N ILE B 294 11.36 -11.43 -11.07
CA ILE B 294 10.44 -10.29 -10.92
C ILE B 294 9.47 -10.14 -12.07
N GLY B 295 9.95 -10.12 -13.31
CA GLY B 295 9.03 -10.17 -14.46
C GLY B 295 8.83 -11.61 -14.79
N GLY B 296 9.23 -11.99 -16.00
CA GLY B 296 9.71 -13.33 -16.28
C GLY B 296 11.18 -13.46 -15.86
N THR B 297 11.82 -12.31 -15.60
CA THR B 297 13.28 -12.17 -15.50
C THR B 297 13.94 -12.79 -14.28
N ALA B 298 14.90 -13.69 -14.51
CA ALA B 298 15.72 -14.28 -13.42
C ALA B 298 16.70 -13.24 -12.91
N ILE B 299 16.64 -12.97 -11.61
CA ILE B 299 17.58 -12.13 -10.88
C ILE B 299 18.40 -13.09 -10.05
N ALA B 300 19.72 -12.99 -10.08
CA ALA B 300 20.58 -13.93 -9.37
C ALA B 300 20.93 -13.35 -8.03
N GLU B 301 21.42 -14.22 -7.16
CA GLU B 301 21.83 -13.84 -5.82
C GLU B 301 22.92 -12.79 -5.97
N GLY B 302 22.86 -11.74 -5.14
CA GLY B 302 23.80 -10.62 -5.21
C GLY B 302 23.35 -9.43 -6.05
N ASP B 303 22.68 -9.62 -7.19
CA ASP B 303 22.33 -8.47 -8.05
C ASP B 303 21.63 -7.37 -7.23
N PRO B 304 21.97 -6.11 -7.48
CA PRO B 304 21.11 -5.10 -6.84
C PRO B 304 19.79 -4.92 -7.58
N VAL B 305 18.79 -4.48 -6.83
CA VAL B 305 17.48 -4.13 -7.35
C VAL B 305 17.11 -2.73 -6.87
N MET B 306 16.73 -1.89 -7.84
CA MET B 306 16.36 -0.53 -7.58
C MET B 306 14.93 -0.38 -8.04
N ILE B 307 14.07 0.05 -7.13
CA ILE B 307 12.66 0.11 -7.42
C ILE B 307 12.37 1.53 -7.82
N GLY B 308 11.78 1.71 -9.00
CA GLY B 308 11.55 3.03 -9.55
C GLY B 308 10.21 3.48 -9.05
N LEU B 309 10.20 4.23 -7.95
CA LEU B 309 8.94 4.69 -7.36
C LEU B 309 8.24 5.73 -8.21
N ASP B 310 8.99 6.68 -8.79
CA ASP B 310 8.42 7.65 -9.73
C ASP B 310 8.03 6.95 -11.06
N ALA B 311 8.80 5.92 -11.48
CA ALA B 311 8.48 5.18 -12.71
C ALA B 311 7.08 4.60 -12.59
N ALA B 312 6.82 3.91 -11.46
CA ALA B 312 5.48 3.33 -11.12
C ALA B 312 4.36 4.33 -11.07
N GLY B 313 4.67 5.55 -10.61
CA GLY B 313 3.72 6.67 -10.58
C GLY B 313 3.17 7.11 -11.94
N ARG B 314 3.80 6.66 -13.02
CA ARG B 314 3.41 6.92 -14.39
C ARG B 314 3.20 5.61 -15.20
N ASP B 315 3.00 4.50 -14.50
CA ASP B 315 2.51 3.27 -15.09
C ASP B 315 1.06 3.53 -15.59
N PRO B 316 0.81 3.28 -16.91
CA PRO B 316 -0.53 3.53 -17.39
C PRO B 316 -1.49 2.43 -17.01
N ALA B 317 -0.98 1.25 -16.69
CA ALA B 317 -1.83 0.15 -16.24
C ALA B 317 -2.48 0.50 -14.91
N ARG B 318 -1.68 1.14 -14.05
CA ARG B 318 -2.09 1.66 -12.76
C ARG B 318 -2.67 3.07 -12.86
N HIS B 319 -2.05 3.93 -13.66
CA HIS B 319 -2.44 5.35 -13.75
C HIS B 319 -2.74 5.70 -15.21
N PRO B 320 -4.03 5.67 -15.59
CA PRO B 320 -4.40 6.06 -16.96
C PRO B 320 -3.94 7.48 -17.27
N ASP B 321 -3.57 7.73 -18.53
CA ASP B 321 -3.03 9.04 -18.95
C ASP B 321 -1.95 9.47 -17.96
N PRO B 322 -0.90 8.64 -17.76
CA PRO B 322 0.04 8.81 -16.66
C PRO B 322 0.78 10.13 -16.73
N HIS B 323 1.07 10.59 -17.93
CA HIS B 323 1.74 11.86 -18.10
C HIS B 323 0.80 13.08 -17.98
N VAL B 324 -0.42 12.92 -17.45
CA VAL B 324 -1.29 14.07 -17.19
C VAL B 324 -1.44 14.33 -15.71
N PHE B 325 -1.40 15.62 -15.34
CA PHE B 325 -1.53 16.11 -13.96
C PHE B 325 -2.95 16.57 -13.78
N ASP B 326 -3.72 15.74 -13.09
CA ASP B 326 -5.14 15.96 -12.86
C ASP B 326 -5.41 15.80 -11.36
N ILE B 327 -5.99 16.83 -10.77
CA ILE B 327 -6.28 16.89 -9.35
C ILE B 327 -7.47 16.03 -9.17
N HIS B 328 -8.45 16.19 -10.06
CA HIS B 328 -9.69 15.39 -10.03
C HIS B 328 -9.53 13.91 -10.42
N ARG B 329 -8.32 13.52 -10.81
CA ARG B 329 -7.93 12.11 -10.99
C ARG B 329 -8.53 11.14 -9.96
N ALA B 330 -9.13 10.06 -10.50
CA ALA B 330 -9.71 8.94 -9.75
C ALA B 330 -8.73 8.42 -8.72
N PRO B 331 -9.18 8.18 -7.46
CA PRO B 331 -8.33 7.51 -6.46
C PRO B 331 -7.36 6.50 -7.07
N GLN B 332 -6.09 6.70 -6.70
CA GLN B 332 -4.97 6.52 -7.59
C GLN B 332 -3.72 5.98 -6.89
N GLY B 333 -3.83 4.94 -6.07
CA GLY B 333 -2.67 4.40 -5.36
C GLY B 333 -1.28 4.54 -5.98
N HIS B 334 -0.49 5.44 -5.40
CA HIS B 334 0.90 5.58 -5.82
C HIS B 334 1.84 4.82 -4.82
N LEU B 335 3.15 4.97 -4.97
CA LEU B 335 4.14 4.35 -4.02
C LEU B 335 5.21 5.31 -3.53
N ALA B 336 4.94 6.60 -3.66
CA ALA B 336 5.82 7.67 -3.17
C ALA B 336 6.38 7.49 -1.76
N PHE B 337 5.66 6.79 -0.88
CA PHE B 337 6.19 6.55 0.44
C PHE B 337 6.79 5.15 0.66
N GLY B 338 6.76 4.28 -0.38
CA GLY B 338 7.06 2.86 -0.21
C GLY B 338 5.88 1.93 0.15
N HIS B 339 6.24 0.83 0.78
CA HIS B 339 5.36 -0.24 0.98
C HIS B 339 6.15 -1.20 1.82
N GLY B 340 5.47 -1.82 2.77
CA GLY B 340 5.98 -2.99 3.46
C GLY B 340 6.69 -2.53 4.70
N ILE B 341 7.74 -3.24 5.08
CA ILE B 341 8.32 -3.00 6.41
C ILE B 341 8.95 -1.61 6.57
N HIS B 342 9.51 -1.13 5.47
CA HIS B 342 10.20 0.14 5.51
C HIS B 342 9.32 1.26 4.98
N TYR B 343 8.00 1.12 5.02
CA TYR B 343 7.15 2.22 4.57
C TYR B 343 7.44 3.51 5.42
N CYS B 344 7.40 4.65 4.73
CA CYS B 344 7.89 5.87 5.28
C CYS B 344 7.34 6.13 6.71
N LEU B 345 8.24 6.44 7.63
CA LEU B 345 7.90 6.73 8.97
C LEU B 345 7.37 8.16 9.07
N GLY B 346 7.89 9.04 8.20
CA GLY B 346 7.44 10.44 8.14
C GLY B 346 6.24 10.85 7.29
N ALA B 347 5.48 9.88 6.77
CA ALA B 347 4.43 10.20 5.77
C ALA B 347 3.41 11.21 6.32
N PRO B 348 2.76 10.86 7.44
CA PRO B 348 1.84 11.85 8.09
C PRO B 348 2.50 13.22 8.35
N LEU B 349 3.72 13.22 8.82
CA LEU B 349 4.41 14.50 9.08
C LEU B 349 4.63 15.30 7.80
N ALA B 350 5.02 14.58 6.75
CA ALA B 350 5.30 15.15 5.47
C ALA B 350 4.03 15.71 4.88
N ARG B 351 2.98 14.95 5.01
CA ARG B 351 1.75 15.36 4.41
C ARG B 351 1.28 16.58 5.07
N LEU B 352 1.41 16.66 6.41
CA LEU B 352 1.03 17.83 7.19
C LEU B 352 1.84 19.07 6.83
N GLU B 353 3.17 18.91 6.81
CA GLU B 353 4.03 20.04 6.50
C GLU B 353 3.65 20.60 5.14
N ALA B 354 3.55 19.69 4.17
CA ALA B 354 3.38 20.05 2.79
C ALA B 354 2.01 20.68 2.49
N ARG B 355 0.97 20.13 3.10
CA ARG B 355 -0.36 20.70 3.06
C ARG B 355 -0.43 22.10 3.70
N VAL B 356 -0.02 22.25 4.96
CA VAL B 356 -0.02 23.57 5.58
C VAL B 356 0.80 24.59 4.71
N ALA B 357 2.01 24.18 4.31
CA ALA B 357 2.89 25.03 3.47
C ALA B 357 2.23 25.56 2.20
N LEU B 358 1.50 24.68 1.53
CA LEU B 358 1.03 24.94 0.18
C LEU B 358 -0.26 25.74 0.20
N ARG B 359 -1.10 25.47 1.18
CA ARG B 359 -2.32 26.25 1.40
C ARG B 359 -1.94 27.68 1.71
N SER B 360 -1.07 27.85 2.71
CA SER B 360 -0.76 29.20 3.23
C SER B 360 -0.13 30.06 2.16
N LEU B 361 0.79 29.47 1.42
CA LEU B 361 1.44 30.14 0.29
C LEU B 361 0.46 30.55 -0.79
N LEU B 362 -0.50 29.68 -1.12
CA LEU B 362 -1.47 29.92 -2.20
C LEU B 362 -2.55 30.94 -1.83
N GLU B 363 -2.96 30.90 -0.57
CA GLU B 363 -3.80 31.93 0.03
C GLU B 363 -3.11 33.28 0.02
N ARG B 364 -1.85 33.31 0.42
CA ARG B 364 -1.12 34.58 0.55
C ARG B 364 -0.35 35.08 -0.69
N CYS B 365 -0.54 34.41 -1.83
CA CYS B 365 0.08 34.81 -3.11
C CYS B 365 -0.87 34.51 -4.28
N PRO B 366 -1.94 35.31 -4.43
CA PRO B 366 -2.82 35.11 -5.60
C PRO B 366 -2.11 35.14 -6.94
N ASP B 367 -1.06 35.95 -7.04
CA ASP B 367 -0.32 36.16 -8.29
C ASP B 367 1.00 35.43 -8.34
N LEU B 368 1.14 34.36 -7.58
CA LEU B 368 2.38 33.63 -7.61
C LEU B 368 2.68 33.18 -9.06
N ALA B 369 3.95 33.27 -9.47
CA ALA B 369 4.40 32.76 -10.78
C ALA B 369 5.86 32.35 -10.75
N LEU B 370 6.28 31.55 -11.72
CA LEU B 370 7.72 31.29 -11.92
C LEU B 370 8.43 32.56 -12.37
N ASP B 371 9.75 32.60 -12.20
CA ASP B 371 10.52 33.83 -12.45
C ASP B 371 12.02 33.69 -12.68
N GLY B 372 12.50 33.15 -13.80
CA GLY B 372 11.85 32.19 -14.65
C GLY B 372 12.52 30.90 -14.29
N PRO B 373 13.65 30.54 -14.95
CA PRO B 373 14.10 29.13 -14.97
C PRO B 373 14.56 28.56 -13.61
N PRO B 374 14.28 27.26 -13.34
CA PRO B 374 14.63 26.68 -12.06
C PRO B 374 16.10 26.28 -12.04
N GLY B 375 16.64 26.07 -10.86
CA GLY B 375 18.07 25.80 -10.69
C GLY B 375 18.52 24.41 -11.08
N ALA B 376 19.79 24.14 -10.83
CA ALA B 376 20.37 22.81 -11.02
C ALA B 376 19.51 21.70 -10.41
N ARG B 377 19.38 20.60 -11.15
CA ARG B 377 18.95 19.33 -10.58
C ARG B 377 20.10 18.58 -9.91
N PRO B 378 19.95 18.21 -8.62
CA PRO B 378 21.00 17.37 -8.05
C PRO B 378 21.24 16.07 -8.84
N PRO B 379 22.46 15.52 -8.75
CA PRO B 379 22.75 14.21 -9.33
C PRO B 379 22.29 13.01 -8.48
N GLY B 380 22.46 11.82 -9.06
CA GLY B 380 22.03 10.58 -8.47
C GLY B 380 20.57 10.31 -8.75
N MET B 381 20.19 9.06 -8.51
CA MET B 381 18.83 8.56 -8.73
C MET B 381 17.89 8.72 -7.50
N LEU B 382 18.38 9.20 -6.37
CA LEU B 382 17.51 9.22 -5.19
C LEU B 382 16.50 10.36 -5.27
N ILE B 383 16.95 11.57 -5.50
CA ILE B 383 16.06 12.71 -5.31
C ILE B 383 15.53 13.22 -6.61
N ARG B 384 14.28 13.58 -6.62
CA ARG B 384 13.63 14.22 -7.75
C ARG B 384 13.22 15.60 -7.33
N GLY B 385 13.89 16.59 -7.93
CA GLY B 385 13.55 17.99 -7.78
C GLY B 385 14.74 18.86 -8.02
N VAL B 386 14.61 20.13 -7.68
CA VAL B 386 15.56 21.18 -8.06
C VAL B 386 16.00 21.94 -6.80
N ARG B 387 17.18 22.55 -6.84
CA ARG B 387 17.80 23.15 -5.66
C ARG B 387 17.34 24.56 -5.38
N ARG B 388 16.97 25.28 -6.43
CA ARG B 388 16.63 26.70 -6.37
C ARG B 388 15.32 26.85 -7.15
N LEU B 389 14.33 27.54 -6.61
CA LEU B 389 13.09 27.75 -7.38
C LEU B 389 12.72 29.22 -7.36
N PRO B 390 13.27 30.00 -8.31
CA PRO B 390 12.97 31.43 -8.35
C PRO B 390 11.53 31.72 -8.73
N VAL B 391 10.91 32.52 -7.88
CA VAL B 391 9.46 32.71 -7.84
C VAL B 391 9.12 34.19 -7.58
N ARG B 392 7.92 34.58 -7.98
CA ARG B 392 7.41 35.93 -7.74
C ARG B 392 5.90 35.85 -7.52
N TRP B 393 5.41 36.90 -6.87
CA TRP B 393 4.04 37.05 -6.51
C TRP B 393 3.65 38.55 -6.50
S SO4 C . -4.47 -0.89 -3.64
O1 SO4 C . -4.55 -1.44 -2.30
O2 SO4 C . -3.08 -0.47 -3.86
O3 SO4 C . -5.33 0.30 -3.89
O4 SO4 C . -4.92 -2.00 -4.49
O1 DAO D . -9.20 -12.91 1.36
O2 DAO D . -10.56 -13.59 -0.27
C1 DAO D . -9.77 -13.81 0.67
C2 DAO D . -9.49 -15.26 1.01
C3 DAO D . -10.70 -16.20 0.86
C4 DAO D . -10.31 -17.66 1.10
C5 DAO D . -11.13 -18.42 2.15
C6 DAO D . -10.29 -18.96 3.31
C7 DAO D . -11.11 -19.49 4.50
C8 DAO D . -10.35 -19.45 5.83
C9 DAO D . -10.75 -18.27 6.72
C10 DAO D . -9.68 -17.83 7.73
C11 DAO D . -10.12 -16.52 8.41
C12 DAO D . -9.61 -16.34 9.83
CHA HEM E . -5.72 -12.17 -0.65
CHB HEM E . -9.24 -8.92 -0.79
CHC HEM E . -10.67 -10.48 -5.14
CHD HEM E . -7.31 -13.89 -4.84
C1A HEM E . -6.56 -11.11 -0.35
C2A HEM E . -6.48 -10.38 0.85
C3A HEM E . -7.46 -9.46 0.79
C4A HEM E . -8.16 -9.65 -0.43
CMA HEM E . -7.81 -8.41 1.83
CAA HEM E . -5.45 -10.53 1.98
CBA HEM E . -6.08 -11.10 3.25
CGA HEM E . -5.11 -11.35 4.37
O1A HEM E . -5.44 -12.14 5.30
O2A HEM E . -3.99 -10.81 4.40
C1B HEM E . -9.94 -9.08 -1.98
C2B HEM E . -11.01 -8.23 -2.30
C3B HEM E . -11.44 -8.63 -3.54
C4B HEM E . -10.58 -9.79 -3.95
CMB HEM E . -11.55 -7.10 -1.45
CAB HEM E . -12.61 -8.00 -4.17
CBB HEM E . -13.35 -8.48 -5.13
C1C HEM E . -9.86 -11.56 -5.48
C2C HEM E . -9.95 -12.30 -6.66
C3C HEM E . -8.99 -13.30 -6.53
C4C HEM E . -8.32 -13.11 -5.30
CMC HEM E . -10.94 -12.02 -7.78
CAC HEM E . -8.58 -14.34 -7.49
CBC HEM E . -8.89 -14.30 -8.75
C1D HEM E . -6.65 -13.63 -3.65
C2D HEM E . -5.56 -14.53 -3.26
C3D HEM E . -5.12 -14.05 -2.08
C4D HEM E . -5.94 -12.88 -1.78
CMD HEM E . -5.08 -15.71 -4.07
CAD HEM E . -3.96 -14.59 -1.27
CBD HEM E . -2.64 -13.80 -1.51
CGD HEM E . -1.45 -14.38 -0.73
O1D HEM E . -1.55 -15.07 0.32
O2D HEM E . -0.29 -14.20 -1.13
NA HEM E . -7.61 -10.64 -1.11
NB HEM E . -9.71 -9.95 -2.99
NC HEM E . -8.87 -12.07 -4.68
ND HEM E . -6.83 -12.64 -2.75
FE HEM E . -8.21 -11.33 -2.86
S SO4 F . 0.02 5.90 1.15
O1 SO4 F . 0.22 4.63 1.84
O2 SO4 F . 0.52 7.04 1.95
O3 SO4 F . -1.41 6.16 0.92
O4 SO4 F . 0.79 5.76 -0.09
O1 DAO G . 14.85 7.60 2.49
O2 DAO G . 13.96 9.53 2.20
C1 DAO G . 14.96 8.84 2.50
C2 DAO G . 16.28 9.51 2.87
C3 DAO G . 17.44 8.50 2.96
C4 DAO G . 18.82 9.13 3.15
C5 DAO G . 19.99 8.11 3.04
C6 DAO G . 20.56 7.94 1.62
C7 DAO G . 21.68 6.89 1.49
C8 DAO G . 21.70 6.16 0.14
C9 DAO G . 22.23 7.03 -0.99
C10 DAO G . 21.61 6.72 -2.36
C11 DAO G . 21.90 7.83 -3.39
C12 DAO G . 21.82 7.33 -4.82
CHA HEM H . 11.48 5.92 4.27
CHB HEM H . 9.62 8.81 1.09
CHC HEM H . 9.25 12.30 4.48
CHD HEM H . 11.64 9.44 7.48
C1A HEM H . 10.98 6.42 3.13
C2A HEM H . 10.87 5.65 1.96
C3A HEM H . 10.34 6.48 1.04
C4A HEM H . 10.14 7.72 1.69
CMA HEM H . 10.00 6.10 -0.40
CAA HEM H . 11.24 4.19 1.77
CBA HEM H . 12.31 3.97 0.71
CGA HEM H . 12.79 2.54 0.63
O1A HEM H . 13.96 2.30 0.21
O2A HEM H . 12.02 1.58 0.94
C1B HEM H . 9.35 10.02 1.73
C2B HEM H . 8.74 11.10 1.04
C3B HEM H . 8.60 12.13 1.96
C4B HEM H . 9.15 11.61 3.24
CMB HEM H . 8.32 11.15 -0.41
CAB HEM H . 8.03 13.42 1.56
CBB HEM H . 8.10 14.54 2.28
C1C HEM H . 9.87 11.84 5.62
C2C HEM H . 10.04 12.56 6.80
C3C HEM H . 10.75 11.72 7.66
C4C HEM H . 10.97 10.51 6.96
CMC HEM H . 9.51 13.98 7.12
CAC HEM H . 11.18 11.90 9.06
CBC HEM H . 10.79 12.90 9.82
C1D HEM H . 11.75 8.23 6.80
C2D HEM H . 12.40 7.10 7.46
C3D HEM H . 12.37 6.10 6.57
C4D HEM H . 11.66 6.68 5.39
CMD HEM H . 13.03 6.98 8.85
CAD HEM H . 12.93 4.70 6.81
CBD HEM H . 11.82 3.72 7.30
CGD HEM H . 12.27 2.28 7.60
O1D HEM H . 13.25 1.75 7.01
O2D HEM H . 11.67 1.58 8.45
NA HEM H . 10.50 7.67 2.94
NB HEM H . 9.55 10.37 2.98
NC HEM H . 10.43 10.61 5.75
ND HEM H . 11.30 7.93 5.57
FE HEM H . 10.45 9.10 4.33
C1 GOL I . -1.23 3.93 -2.09
O1 GOL I . 0.00 3.76 -1.33
C2 GOL I . -1.95 5.28 -1.91
O2 GOL I . -1.36 6.32 -2.70
C3 GOL I . -3.45 5.20 -2.19
O3 GOL I . -3.94 6.38 -2.87
#